data_9MDU
#
_entry.id   9MDU
#
_entity_poly.entity_id   1
_entity_poly.type   'polypeptide(L)'
_entity_poly.pdbx_seq_one_letter_code
;MEGISIYTSDNYTEEMGSGDYDSMKEPCFREENANFNKIFLPTIYSIIFLTGIVGNGLVILVMGYQKKLRSMTDKYRLHL
SVADLLFVITLPFWAVDAVANWYFGNFLCKAVHVIYTVNLYSSVLILAFISLDRYLAIVHATNSQRPRKLLAEKVVYVGV
WIPALLLTIPDFIFANVSEADDRYICDRFYPNDLWVVVFQFQHIMVGLILPGIVILSCYCIIISKLSHSKGHQKRKALKT
TVILILAFFACWLPYYIGISIDSFILLEIIKQGCEFENTVHKWISITEALAFFHCCLNPILYAFLGAKFKTSAQHALTSV
SRGSSLKILSKGKRGGHSSVSTESESSSFHSSDYKDDDDK
;
_entity_poly.pdbx_strand_id   B,A,C,D
#
# COMPACT_ATOMS: atom_id res chain seq x y z
N LYS A 25 -29.71 22.30 19.20
CA LYS A 25 -29.44 21.81 17.82
C LYS A 25 -27.98 22.13 17.45
N GLU A 26 -27.18 22.55 18.44
CA GLU A 26 -25.73 22.76 18.16
C GLU A 26 -25.03 21.40 18.07
N PRO A 27 -24.07 21.17 17.15
CA PRO A 27 -23.32 19.89 17.12
C PRO A 27 -21.90 20.12 17.59
N CYS A 28 -21.53 19.54 18.74
CA CYS A 28 -20.59 18.69 19.44
C CYS A 28 -19.63 19.88 19.44
N PHE A 29 -19.86 20.82 18.56
CA PHE A 29 -19.20 22.15 18.56
C PHE A 29 -17.78 21.58 18.37
N ARG A 30 -17.58 20.76 17.34
CA ARG A 30 -16.24 20.23 16.99
C ARG A 30 -15.94 19.30 18.17
N GLU A 31 -15.10 18.31 17.95
CA GLU A 31 -14.65 17.41 19.05
C GLU A 31 -13.13 17.60 19.22
N GLU A 32 -12.59 17.37 20.41
CA GLU A 32 -11.12 17.47 20.52
C GLU A 32 -10.50 16.52 19.49
N ASN A 33 -9.74 17.06 18.54
CA ASN A 33 -9.15 16.22 17.46
C ASN A 33 -8.62 14.92 18.08
N ALA A 34 -9.02 13.78 17.53
CA ALA A 34 -8.57 12.48 18.07
C ALA A 34 -7.09 12.56 18.44
N ASN A 35 -6.75 12.06 19.63
CA ASN A 35 -5.34 12.12 20.10
C ASN A 35 -4.37 11.67 19.00
N PHE A 36 -4.79 10.84 18.05
CA PHE A 36 -3.85 10.36 17.01
C PHE A 36 -3.63 11.28 15.84
N ASN A 37 -4.50 12.27 15.70
CA ASN A 37 -4.42 13.24 14.58
C ASN A 37 -3.17 13.90 15.11
N LYS A 38 -3.10 14.18 16.38
CA LYS A 38 -2.28 15.20 17.06
C LYS A 38 -0.86 14.70 17.14
N ILE A 39 -0.62 13.49 16.64
CA ILE A 39 0.75 12.93 16.51
C ILE A 39 0.90 12.61 15.02
N PHE A 40 -0.18 12.39 14.30
CA PHE A 40 -0.15 12.06 12.86
C PHE A 40 -0.08 13.26 12.02
N LEU A 41 -0.89 14.26 12.31
CA LEU A 41 -0.92 15.49 11.49
C LEU A 41 0.42 16.15 11.71
N PRO A 42 0.95 16.33 12.93
CA PRO A 42 2.32 16.80 13.16
C PRO A 42 3.34 16.00 12.37
N THR A 43 3.20 14.67 12.23
CA THR A 43 4.13 13.86 11.47
C THR A 43 4.02 14.14 9.98
N ILE A 44 2.79 14.21 9.48
CA ILE A 44 2.55 14.51 8.07
C ILE A 44 3.07 15.90 7.72
N TYR A 45 2.79 16.88 8.59
CA TYR A 45 3.25 18.24 8.37
C TYR A 45 4.76 18.32 8.39
N SER A 46 5.41 17.54 9.25
CA SER A 46 6.87 17.59 9.34
C SER A 46 7.52 16.90 8.13
N ILE A 47 6.97 15.77 7.69
CA ILE A 47 7.48 15.12 6.48
C ILE A 47 7.32 16.04 5.27
N ILE A 48 6.13 16.63 5.12
CA ILE A 48 5.89 17.54 4.01
C ILE A 48 6.74 18.79 4.14
N PHE A 49 6.98 19.26 5.36
CA PHE A 49 7.84 20.42 5.56
C PHE A 49 9.27 20.13 5.13
N LEU A 50 9.83 19.01 5.57
CA LEU A 50 11.20 18.66 5.17
C LEU A 50 11.30 18.50 3.67
N THR A 51 10.40 17.72 3.08
CA THR A 51 10.46 17.48 1.64
C THR A 51 10.23 18.77 0.87
N GLY A 52 9.31 19.62 1.34
CA GLY A 52 9.03 20.87 0.66
C GLY A 52 10.19 21.84 0.71
N ILE A 53 10.76 22.06 1.91
CA ILE A 53 11.96 22.90 2.02
C ILE A 53 13.04 22.40 1.08
N VAL A 54 13.46 21.15 1.24
CA VAL A 54 14.60 20.65 0.48
C VAL A 54 14.30 20.70 -1.02
N GLY A 55 13.18 20.13 -1.44
CA GLY A 55 12.90 20.02 -2.86
C GLY A 55 12.63 21.36 -3.53
N ASN A 56 11.76 22.17 -2.93
CA ASN A 56 11.42 23.45 -3.55
C ASN A 56 12.59 24.42 -3.50
N GLY A 57 13.38 24.41 -2.43
CA GLY A 57 14.59 25.22 -2.41
C GLY A 57 15.59 24.78 -3.45
N LEU A 58 15.69 23.47 -3.68
CA LEU A 58 16.59 22.98 -4.72
C LEU A 58 16.08 23.33 -6.11
N VAL A 59 14.77 23.31 -6.32
CA VAL A 59 14.21 23.74 -7.61
C VAL A 59 14.45 25.21 -7.84
N ILE A 60 14.26 26.03 -6.80
CA ILE A 60 14.50 27.47 -6.93
C ILE A 60 15.99 27.74 -7.17
N LEU A 61 16.87 27.00 -6.50
CA LEU A 61 18.30 27.16 -6.73
C LEU A 61 18.70 26.77 -8.15
N VAL A 62 18.19 25.63 -8.62
CA VAL A 62 18.60 25.12 -9.93
C VAL A 62 17.86 25.84 -11.05
N MET A 63 16.54 25.91 -10.96
CA MET A 63 15.71 26.40 -12.06
C MET A 63 15.42 27.89 -11.94
N GLY A 64 15.85 28.55 -10.88
CA GLY A 64 15.50 29.94 -10.70
C GLY A 64 16.59 30.83 -10.16
N TYR A 65 17.76 30.25 -9.88
CA TYR A 65 18.91 31.06 -9.49
C TYR A 65 20.02 30.86 -10.50
N GLN A 66 20.22 29.61 -10.92
CA GLN A 66 21.20 29.26 -11.92
C GLN A 66 20.64 29.31 -13.33
N LYS A 67 19.35 29.62 -13.45
CA LYS A 67 18.68 29.94 -14.70
C LYS A 67 18.82 28.85 -15.75
N LYS A 68 18.58 27.59 -15.39
CA LYS A 68 18.45 26.52 -16.37
C LYS A 68 16.99 26.12 -16.58
N LEU A 69 16.08 27.08 -16.51
CA LEU A 69 14.70 26.87 -16.93
C LEU A 69 14.70 26.77 -18.45
N ARG A 70 14.68 25.53 -18.94
CA ARG A 70 14.79 25.27 -20.36
C ARG A 70 13.47 25.52 -21.07
N SER A 71 12.43 24.77 -20.69
CA SER A 71 11.12 24.95 -21.29
C SER A 71 10.35 26.03 -20.55
N MET A 72 9.18 26.38 -21.10
CA MET A 72 8.31 27.33 -20.45
C MET A 72 7.40 26.68 -19.42
N THR A 73 7.35 25.34 -19.40
CA THR A 73 6.79 24.62 -18.27
C THR A 73 7.66 24.75 -17.03
N ASP A 74 8.98 24.73 -17.19
CA ASP A 74 9.92 24.94 -16.10
C ASP A 74 9.90 26.37 -15.57
N LYS A 75 9.36 27.32 -16.34
CA LYS A 75 9.07 28.64 -15.80
C LYS A 75 7.92 28.61 -14.82
N TYR A 76 6.84 27.90 -15.12
CA TYR A 76 5.69 27.80 -14.24
C TYR A 76 5.95 26.92 -13.03
N ARG A 77 6.75 25.87 -13.17
CA ARG A 77 7.11 25.04 -12.02
C ARG A 77 8.04 25.76 -11.07
N LEU A 78 8.79 26.77 -11.54
CA LEU A 78 9.45 27.70 -10.65
C LEU A 78 8.48 28.49 -9.79
N HIS A 79 7.38 28.97 -10.39
CA HIS A 79 6.33 29.64 -9.62
C HIS A 79 5.67 28.69 -8.62
N LEU A 80 5.42 27.45 -9.04
CA LEU A 80 4.93 26.43 -8.10
C LEU A 80 5.90 26.24 -6.95
N SER A 81 7.19 26.17 -7.23
CA SER A 81 8.16 25.94 -6.16
C SER A 81 8.24 27.12 -5.22
N VAL A 82 8.09 28.34 -5.74
CA VAL A 82 8.07 29.51 -4.86
C VAL A 82 6.84 29.48 -3.96
N ALA A 83 5.67 29.17 -4.53
CA ALA A 83 4.45 29.10 -3.73
C ALA A 83 4.54 27.99 -2.69
N ASP A 84 5.03 26.82 -3.08
CA ASP A 84 5.14 25.70 -2.17
C ASP A 84 6.18 25.96 -1.08
N LEU A 85 7.27 26.65 -1.41
CA LEU A 85 8.23 27.03 -0.39
C LEU A 85 7.61 28.00 0.60
N LEU A 86 6.84 28.97 0.12
CA LEU A 86 6.14 29.88 1.00
C LEU A 86 5.21 29.13 1.96
N PHE A 87 4.51 28.11 1.46
CA PHE A 87 3.61 27.36 2.32
C PHE A 87 4.37 26.49 3.32
N VAL A 88 5.46 25.85 2.89
CA VAL A 88 6.15 24.95 3.80
C VAL A 88 6.97 25.71 4.84
N ILE A 89 7.26 27.00 4.63
CA ILE A 89 7.78 27.82 5.72
C ILE A 89 6.78 27.86 6.88
N THR A 90 5.50 27.99 6.57
CA THR A 90 4.48 28.09 7.61
C THR A 90 3.95 26.75 8.07
N LEU A 91 4.28 25.66 7.39
CA LEU A 91 3.88 24.32 7.83
C LEU A 91 4.27 23.95 9.26
N PRO A 92 5.45 24.33 9.79
CA PRO A 92 5.69 24.07 11.22
C PRO A 92 4.70 24.76 12.14
N PHE A 93 4.15 25.91 11.76
CA PHE A 93 3.06 26.50 12.53
C PHE A 93 1.84 25.59 12.52
N TRP A 94 1.56 24.95 11.39
CA TRP A 94 0.49 23.96 11.32
C TRP A 94 0.76 22.79 12.25
N ALA A 95 2.02 22.32 12.29
CA ALA A 95 2.36 21.20 13.16
C ALA A 95 2.17 21.55 14.63
N VAL A 96 2.63 22.74 15.02
CA VAL A 96 2.50 23.18 16.41
C VAL A 96 1.03 23.38 16.76
N ASP A 97 0.26 23.98 15.85
CA ASP A 97 -1.17 24.16 16.08
C ASP A 97 -1.92 22.84 16.03
N ALA A 98 -1.28 21.79 15.51
CA ALA A 98 -1.86 20.46 15.60
C ALA A 98 -1.60 19.82 16.97
N VAL A 99 -0.35 19.90 17.44
CA VAL A 99 0.00 19.23 18.69
C VAL A 99 -0.67 19.95 19.86
N ALA A 100 -0.21 21.17 20.10
CA ALA A 100 -0.85 22.15 20.95
C ALA A 100 -1.75 22.95 20.05
N ASN A 101 -2.20 24.12 20.48
CA ASN A 101 -2.91 24.99 19.55
C ASN A 101 -2.15 26.30 19.47
N TRP A 102 -2.75 27.30 18.84
CA TRP A 102 -2.04 28.51 18.45
C TRP A 102 -1.50 29.26 19.67
N TYR A 103 -0.21 29.59 19.61
CA TYR A 103 0.47 30.40 20.63
C TYR A 103 0.96 31.70 20.02
N PHE A 104 0.99 31.76 18.69
CA PHE A 104 1.76 32.78 17.98
C PHE A 104 1.02 34.10 17.83
N GLY A 105 -0.21 34.21 18.28
CA GLY A 105 -0.93 35.45 18.25
C GLY A 105 -1.79 35.61 17.02
N ASN A 106 -2.17 36.86 16.75
CA ASN A 106 -3.11 37.18 15.69
C ASN A 106 -2.44 37.55 14.38
N PHE A 107 -1.38 38.36 14.41
CA PHE A 107 -0.71 38.74 13.17
C PHE A 107 -0.11 37.54 12.47
N LEU A 108 0.52 36.64 13.22
CA LEU A 108 1.10 35.46 12.62
C LEU A 108 0.06 34.44 12.18
N CYS A 109 -1.09 34.38 12.87
CA CYS A 109 -2.22 33.60 12.38
C CYS A 109 -2.70 34.12 11.03
N LYS A 110 -2.81 35.46 10.91
CA LYS A 110 -3.17 36.05 9.63
C LYS A 110 -2.15 35.74 8.56
N ALA A 111 -0.85 35.84 8.90
CA ALA A 111 0.20 35.57 7.93
C ALA A 111 0.16 34.12 7.45
N VAL A 112 -0.02 33.19 8.38
CA VAL A 112 -0.09 31.77 8.02
C VAL A 112 -1.29 31.51 7.13
N HIS A 113 -2.44 32.13 7.45
CA HIS A 113 -3.63 31.87 6.65
C HIS A 113 -3.54 32.50 5.26
N VAL A 114 -2.99 33.72 5.16
CA VAL A 114 -2.87 34.33 3.83
C VAL A 114 -1.82 33.60 3.00
N ILE A 115 -0.77 33.06 3.63
CA ILE A 115 0.20 32.29 2.87
C ILE A 115 -0.41 30.97 2.41
N TYR A 116 -1.22 30.34 3.27
CA TYR A 116 -1.94 29.13 2.88
C TYR A 116 -2.86 29.40 1.69
N THR A 117 -3.57 30.52 1.72
CA THR A 117 -4.47 30.87 0.62
C THR A 117 -3.70 31.20 -0.66
N VAL A 118 -2.59 31.93 -0.54
CA VAL A 118 -1.76 32.23 -1.70
C VAL A 118 -1.29 30.95 -2.34
N ASN A 119 -0.80 29.99 -1.54
CA ASN A 119 -0.41 28.71 -2.11
C ASN A 119 -1.59 27.99 -2.73
N LEU A 120 -2.73 27.97 -2.03
CA LEU A 120 -3.94 27.28 -2.49
C LEU A 120 -4.35 27.72 -3.88
N TYR A 121 -4.43 29.02 -4.10
CA TYR A 121 -4.95 29.49 -5.37
C TYR A 121 -3.85 29.64 -6.41
N SER A 122 -2.66 30.06 -6.01
CA SER A 122 -1.57 30.23 -6.96
C SER A 122 -1.16 28.90 -7.56
N SER A 123 -1.09 27.83 -6.77
CA SER A 123 -0.65 26.55 -7.33
C SER A 123 -1.61 26.03 -8.39
N VAL A 124 -2.91 26.10 -8.13
CA VAL A 124 -3.87 25.58 -9.10
C VAL A 124 -3.99 26.53 -10.30
N LEU A 125 -3.84 27.85 -10.10
CA LEU A 125 -3.82 28.76 -11.23
C LEU A 125 -2.57 28.54 -12.08
N ILE A 126 -1.43 28.22 -11.45
CA ILE A 126 -0.22 27.92 -12.20
C ILE A 126 -0.42 26.65 -13.01
N LEU A 127 -1.07 25.64 -12.43
CA LEU A 127 -1.35 24.42 -13.18
C LEU A 127 -2.25 24.71 -14.39
N ALA A 128 -3.26 25.56 -14.20
CA ALA A 128 -4.08 25.98 -15.33
C ALA A 128 -3.24 26.69 -16.39
N PHE A 129 -2.24 27.47 -15.94
CA PHE A 129 -1.37 28.15 -16.89
C PHE A 129 -0.45 27.18 -17.62
N ILE A 130 0.01 26.11 -16.95
CA ILE A 130 0.82 25.11 -17.65
C ILE A 130 -0.03 24.37 -18.67
N SER A 131 -1.30 24.12 -18.33
CA SER A 131 -2.20 23.50 -19.30
C SER A 131 -2.43 24.42 -20.49
N LEU A 132 -2.59 25.73 -20.24
CA LEU A 132 -2.71 26.69 -21.34
C LEU A 132 -1.44 26.72 -22.18
N ASP A 133 -0.27 26.65 -21.54
CA ASP A 133 0.99 26.66 -22.27
C ASP A 133 1.13 25.41 -23.13
N ARG A 134 0.74 24.25 -22.60
CA ARG A 134 0.78 23.02 -23.40
C ARG A 134 -0.20 23.09 -24.55
N TYR A 135 -1.38 23.66 -24.31
CA TYR A 135 -2.38 23.83 -25.37
C TYR A 135 -1.85 24.74 -26.47
N LEU A 136 -1.20 25.84 -26.10
CA LEU A 136 -0.64 26.74 -27.09
C LEU A 136 0.54 26.13 -27.81
N ALA A 137 1.33 25.29 -27.12
CA ALA A 137 2.51 24.70 -27.72
C ALA A 137 2.15 23.56 -28.67
N ILE A 138 1.08 22.83 -28.39
CA ILE A 138 0.74 21.65 -29.16
C ILE A 138 -0.29 22.00 -30.24
N VAL A 139 -1.44 22.54 -29.82
CA VAL A 139 -2.51 22.82 -30.78
C VAL A 139 -2.10 23.94 -31.73
N HIS A 140 -1.69 25.07 -31.18
CA HIS A 140 -1.23 26.20 -31.99
C HIS A 140 0.29 26.22 -32.07
N ALA A 141 0.84 25.11 -32.58
CA ALA A 141 2.29 24.93 -32.58
C ALA A 141 3.02 25.85 -33.55
N THR A 142 2.32 26.46 -34.50
CA THR A 142 2.98 27.26 -35.52
C THR A 142 3.08 28.73 -35.15
N ASN A 143 2.00 29.32 -34.62
CA ASN A 143 1.95 30.75 -34.37
C ASN A 143 2.01 31.13 -32.91
N SER A 144 1.81 30.19 -31.98
CA SER A 144 1.80 30.51 -30.56
C SER A 144 3.16 30.15 -29.97
N GLN A 145 4.12 31.05 -30.15
CA GLN A 145 5.40 31.01 -29.46
C GLN A 145 5.64 32.35 -28.79
N ARG A 146 5.09 33.40 -29.40
CA ARG A 146 5.07 34.74 -28.82
C ARG A 146 4.00 34.88 -27.74
N PRO A 147 2.76 34.39 -27.93
CA PRO A 147 1.83 34.36 -26.78
C PRO A 147 2.33 33.51 -25.63
N ARG A 148 3.07 32.44 -25.92
CA ARG A 148 3.64 31.61 -24.87
C ARG A 148 4.71 32.31 -24.06
N LYS A 149 5.35 33.34 -24.62
CA LYS A 149 6.29 34.16 -23.86
C LYS A 149 5.62 35.18 -22.97
N LEU A 150 4.64 35.94 -23.48
CA LEU A 150 3.87 36.83 -22.63
C LEU A 150 3.12 36.09 -21.53
N LEU A 151 2.48 34.97 -21.86
CA LEU A 151 1.74 34.17 -20.88
C LEU A 151 2.64 33.64 -19.78
N ALA A 152 3.94 33.49 -20.02
CA ALA A 152 4.85 32.92 -19.04
C ALA A 152 5.71 33.97 -18.35
N GLU A 153 5.80 35.18 -18.88
CA GLU A 153 6.67 36.19 -18.27
C GLU A 153 5.96 37.47 -17.84
N LYS A 154 4.79 37.80 -18.37
CA LYS A 154 4.12 39.03 -18.00
C LYS A 154 2.69 38.77 -17.56
N VAL A 155 2.02 37.82 -18.22
CA VAL A 155 0.63 37.51 -17.94
C VAL A 155 0.49 36.53 -16.77
N VAL A 156 1.52 35.72 -16.50
CA VAL A 156 1.45 34.76 -15.40
C VAL A 156 1.27 35.47 -14.07
N TYR A 157 1.94 36.62 -13.89
CA TYR A 157 1.81 37.35 -12.64
C TYR A 157 0.38 37.84 -12.43
N VAL A 158 -0.17 38.55 -13.43
CA VAL A 158 -1.51 39.11 -13.30
C VAL A 158 -2.61 38.06 -13.37
N GLY A 159 -2.30 36.84 -13.79
CA GLY A 159 -3.31 35.80 -13.85
C GLY A 159 -3.19 34.76 -12.77
N VAL A 160 -2.10 34.77 -12.01
CA VAL A 160 -1.91 33.82 -10.93
C VAL A 160 -1.77 34.54 -9.61
N TRP A 161 -0.76 35.39 -9.49
CA TRP A 161 -0.41 35.93 -8.19
C TRP A 161 -1.36 37.04 -7.75
N ILE A 162 -1.77 37.90 -8.68
CA ILE A 162 -2.75 38.94 -8.36
C ILE A 162 -4.09 38.30 -7.98
N PRO A 163 -4.64 37.33 -8.73
CA PRO A 163 -5.84 36.64 -8.21
C PRO A 163 -5.61 35.90 -6.91
N ALA A 164 -4.43 35.31 -6.71
CA ALA A 164 -4.14 34.62 -5.45
C ALA A 164 -4.01 35.59 -4.29
N LEU A 165 -3.43 36.77 -4.54
CA LEU A 165 -3.31 37.77 -3.48
C LEU A 165 -4.64 38.48 -3.21
N LEU A 166 -5.47 38.63 -4.23
CA LEU A 166 -6.77 39.26 -4.03
C LEU A 166 -7.74 38.36 -3.28
N LEU A 167 -7.47 37.08 -3.18
CA LEU A 167 -8.36 36.16 -2.46
C LEU A 167 -7.91 35.92 -1.02
N THR A 168 -6.86 36.59 -0.57
CA THR A 168 -6.45 36.57 0.82
C THR A 168 -7.07 37.68 1.64
N ILE A 169 -7.87 38.55 1.01
CA ILE A 169 -8.60 39.57 1.77
C ILE A 169 -9.54 38.95 2.79
N PRO A 170 -10.32 37.90 2.48
CA PRO A 170 -11.07 37.23 3.55
C PRO A 170 -10.19 36.67 4.64
N ASP A 171 -8.93 36.35 4.34
CA ASP A 171 -8.00 35.91 5.37
C ASP A 171 -7.23 37.06 6.00
N PHE A 172 -7.18 38.22 5.34
CA PHE A 172 -6.71 39.43 6.00
C PHE A 172 -7.74 40.00 6.96
N ILE A 173 -9.00 39.60 6.81
CA ILE A 173 -10.09 40.14 7.62
C ILE A 173 -10.54 39.15 8.70
N PHE A 174 -10.82 37.90 8.31
CA PHE A 174 -11.52 36.96 9.17
C PHE A 174 -10.62 35.95 9.87
N ALA A 175 -9.33 35.93 9.55
CA ALA A 175 -8.41 34.92 10.13
C ALA A 175 -7.86 35.43 11.43
N ASN A 176 -8.61 35.29 12.50
CA ASN A 176 -8.19 35.77 13.83
C ASN A 176 -8.03 34.57 14.76
N VAL A 177 -7.45 34.75 15.93
CA VAL A 177 -7.33 33.65 16.92
C VAL A 177 -8.45 33.84 17.95
N SER A 178 -9.19 32.78 18.27
CA SER A 178 -10.30 32.89 19.23
C SER A 178 -9.81 32.41 20.58
N GLU A 179 -9.58 33.32 21.51
CA GLU A 179 -9.18 32.91 22.88
C GLU A 179 -10.40 32.20 23.46
N ALA A 180 -10.38 30.87 23.48
CA ALA A 180 -11.61 30.16 23.88
C ALA A 180 -11.74 29.29 25.15
N ASP A 181 -11.51 27.99 25.02
CA ASP A 181 -11.66 27.03 26.16
C ASP A 181 -10.20 26.60 26.30
N ASP A 182 -9.34 27.45 26.88
CA ASP A 182 -7.89 27.17 26.98
C ASP A 182 -7.46 26.54 25.65
N ARG A 183 -7.88 27.15 24.54
CA ARG A 183 -7.63 26.57 23.20
C ARG A 183 -6.86 27.50 22.28
N TYR A 184 -7.35 28.71 22.09
CA TYR A 184 -6.65 29.68 21.21
C TYR A 184 -6.57 29.21 19.75
N ILE A 185 -7.72 28.80 19.20
CA ILE A 185 -7.79 28.27 17.82
C ILE A 185 -7.69 29.14 16.56
N CYS A 186 -6.58 29.05 15.81
CA CYS A 186 -6.32 29.94 14.70
C CYS A 186 -7.12 29.46 13.50
N ASP A 187 -8.15 30.22 13.13
CA ASP A 187 -9.04 29.81 12.06
C ASP A 187 -9.75 31.06 11.52
N ARG A 188 -10.35 30.91 10.35
CA ARG A 188 -11.14 31.97 9.76
C ARG A 188 -12.48 32.07 10.48
N PHE A 189 -12.72 33.20 11.16
CA PHE A 189 -13.92 33.40 11.94
C PHE A 189 -14.83 34.39 11.21
N TYR A 190 -16.03 33.94 10.86
CA TYR A 190 -16.95 34.70 10.04
C TYR A 190 -18.14 35.19 10.86
N PRO A 191 -18.83 36.23 10.41
CA PRO A 191 -20.00 36.72 11.17
C PRO A 191 -21.09 35.67 11.36
N ASN A 192 -21.30 34.79 10.38
CA ASN A 192 -22.30 33.74 10.51
C ASN A 192 -21.88 32.55 9.66
N ASP A 193 -22.73 31.53 9.64
CA ASP A 193 -22.43 30.29 8.94
C ASP A 193 -22.59 30.42 7.43
N LEU A 194 -23.47 31.32 6.97
CA LEU A 194 -23.65 31.51 5.54
C LEU A 194 -22.37 32.02 4.90
N TRP A 195 -21.60 32.84 5.62
CA TRP A 195 -20.30 33.26 5.13
C TRP A 195 -19.36 32.07 4.96
N VAL A 196 -19.38 31.14 5.92
CA VAL A 196 -18.55 29.94 5.82
C VAL A 196 -18.94 29.13 4.59
N VAL A 197 -20.24 28.97 4.36
CA VAL A 197 -20.69 28.21 3.20
C VAL A 197 -20.28 28.92 1.90
N VAL A 198 -20.45 30.24 1.86
CA VAL A 198 -20.13 31.00 0.66
C VAL A 198 -18.64 30.90 0.34
N PHE A 199 -17.79 31.04 1.35
CA PHE A 199 -16.36 30.98 1.11
C PHE A 199 -15.83 29.57 0.87
N GLN A 200 -16.46 28.53 1.44
CA GLN A 200 -16.12 27.18 1.05
C GLN A 200 -16.56 26.84 -0.37
N PHE A 201 -17.74 27.29 -0.79
CA PHE A 201 -18.13 27.17 -2.19
C PHE A 201 -17.19 27.93 -3.11
N GLN A 202 -16.76 29.13 -2.71
CA GLN A 202 -15.78 29.89 -3.49
C GLN A 202 -14.44 29.16 -3.58
N HIS A 203 -13.97 28.57 -2.48
CA HIS A 203 -12.77 27.75 -2.53
C HIS A 203 -12.93 26.60 -3.49
N ILE A 204 -14.01 25.82 -3.35
CA ILE A 204 -14.26 24.70 -4.25
C ILE A 204 -14.28 25.18 -5.69
N MET A 205 -15.02 26.26 -5.96
CA MET A 205 -15.19 26.76 -7.30
C MET A 205 -13.85 27.13 -7.92
N VAL A 206 -13.19 28.15 -7.37
CA VAL A 206 -12.00 28.71 -8.02
C VAL A 206 -10.74 27.92 -7.66
N GLY A 207 -10.89 26.79 -6.99
CA GLY A 207 -9.73 25.96 -6.74
C GLY A 207 -9.82 24.57 -7.34
N LEU A 208 -11.03 24.12 -7.67
CA LEU A 208 -11.20 22.82 -8.29
C LEU A 208 -11.94 22.92 -9.62
N ILE A 209 -13.04 23.67 -9.67
CA ILE A 209 -13.94 23.56 -10.81
C ILE A 209 -13.40 24.35 -12.00
N LEU A 210 -13.30 25.68 -11.86
CA LEU A 210 -12.86 26.50 -12.99
C LEU A 210 -11.43 26.20 -13.42
N PRO A 211 -10.42 26.16 -12.53
CA PRO A 211 -9.11 25.68 -12.99
C PRO A 211 -9.14 24.26 -13.48
N GLY A 212 -9.94 23.39 -12.86
CA GLY A 212 -10.08 22.03 -13.35
C GLY A 212 -10.78 21.97 -14.70
N ILE A 213 -11.81 22.80 -14.90
CA ILE A 213 -12.47 22.83 -16.21
C ILE A 213 -11.51 23.33 -17.27
N VAL A 214 -10.71 24.35 -16.95
CA VAL A 214 -9.74 24.88 -17.91
C VAL A 214 -8.70 23.82 -18.26
N ILE A 215 -8.17 23.14 -17.24
CA ILE A 215 -7.17 22.10 -17.47
C ILE A 215 -7.74 20.96 -18.28
N LEU A 216 -8.96 20.52 -17.94
CA LEU A 216 -9.58 19.42 -18.66
C LEU A 216 -9.88 19.79 -20.11
N SER A 217 -10.35 21.02 -20.34
CA SER A 217 -10.62 21.46 -21.71
C SER A 217 -9.34 21.51 -22.51
N CYS A 218 -8.27 22.08 -21.92
CA CYS A 218 -7.00 22.16 -22.62
C CYS A 218 -6.46 20.78 -22.95
N TYR A 219 -6.56 19.84 -22.02
CA TYR A 219 -6.01 18.52 -22.27
C TYR A 219 -6.89 17.68 -23.18
N CYS A 220 -8.21 17.87 -23.15
CA CYS A 220 -9.07 17.21 -24.12
C CYS A 220 -8.77 17.70 -25.54
N ILE A 221 -8.60 19.00 -25.70
CA ILE A 221 -8.24 19.52 -27.03
C ILE A 221 -6.84 19.06 -27.43
N ILE A 222 -5.91 18.97 -26.46
CA ILE A 222 -4.57 18.48 -26.77
C ILE A 222 -4.62 17.03 -27.26
N ILE A 223 -5.36 16.18 -26.55
CA ILE A 223 -5.47 14.78 -26.93
C ILE A 223 -6.19 14.64 -28.27
N SER A 224 -7.19 15.48 -28.55
CA SER A 224 -7.87 15.43 -29.84
C SER A 224 -7.01 15.93 -30.99
N LYS A 225 -6.10 16.86 -30.74
CA LYS A 225 -5.19 17.34 -31.78
C LYS A 225 -3.90 16.54 -31.88
N LEU A 226 -3.63 15.71 -30.90
CA LEU A 226 -2.39 14.91 -30.87
C LEU A 226 -2.74 13.49 -31.28
N SER A 227 -4.03 13.16 -31.27
CA SER A 227 -4.45 11.76 -31.53
C SER A 227 -4.15 11.43 -32.98
N HIS A 228 -4.43 12.39 -33.86
CA HIS A 228 -3.88 12.31 -35.24
C HIS A 228 -2.64 13.12 -35.65
N SER A 229 -1.62 13.20 -34.80
CA SER A 229 -0.38 13.90 -35.17
C SER A 229 0.42 12.69 -35.67
N LYS A 230 0.04 12.13 -36.80
CA LYS A 230 0.72 10.93 -37.39
C LYS A 230 0.62 10.31 -35.99
N GLY A 231 0.95 9.25 -35.59
CA GLY A 231 1.14 8.80 -34.18
C GLY A 231 2.28 9.40 -33.35
N HIS A 232 3.26 10.06 -33.96
CA HIS A 232 4.47 10.54 -33.22
C HIS A 232 4.17 11.06 -31.80
N GLN A 233 4.74 10.39 -30.80
CA GLN A 233 4.27 10.40 -29.39
C GLN A 233 4.78 11.77 -28.92
N LYS A 234 3.95 12.82 -29.00
CA LYS A 234 4.36 14.12 -28.39
C LYS A 234 4.05 14.05 -26.89
N ARG A 235 3.93 12.84 -26.33
CA ARG A 235 3.68 12.66 -24.88
C ARG A 235 5.04 12.66 -24.15
N LYS A 236 5.70 13.82 -24.18
CA LYS A 236 7.00 14.02 -23.51
C LYS A 236 6.77 15.07 -22.43
N ALA A 237 7.00 16.32 -22.78
CA ALA A 237 6.61 17.38 -21.86
C ALA A 237 5.14 17.30 -21.47
N LEU A 238 4.32 16.57 -22.23
CA LEU A 238 2.93 16.38 -21.86
C LEU A 238 2.79 15.43 -20.69
N LYS A 239 3.54 14.31 -20.71
CA LYS A 239 3.41 13.31 -19.66
C LYS A 239 3.82 13.85 -18.31
N THR A 240 4.89 14.65 -18.27
CA THR A 240 5.33 15.24 -17.01
C THR A 240 4.28 16.15 -16.42
N THR A 241 3.70 17.04 -17.23
CA THR A 241 2.71 17.96 -16.73
C THR A 241 1.39 17.28 -16.43
N VAL A 242 1.02 16.26 -17.22
CA VAL A 242 -0.16 15.45 -16.89
C VAL A 242 0.02 14.78 -15.54
N ILE A 243 1.18 14.20 -15.28
CA ILE A 243 1.42 13.56 -13.99
C ILE A 243 1.37 14.58 -12.87
N LEU A 244 1.97 15.75 -13.09
CA LEU A 244 1.95 16.81 -12.08
C LEU A 244 0.53 17.22 -11.72
N ILE A 245 -0.30 17.50 -12.74
CA ILE A 245 -1.65 17.99 -12.50
C ILE A 245 -2.54 16.90 -11.91
N LEU A 246 -2.41 15.68 -12.44
CA LEU A 246 -3.20 14.57 -11.92
C LEU A 246 -2.85 14.27 -10.47
N ALA A 247 -1.57 14.32 -10.11
CA ALA A 247 -1.18 14.10 -8.73
C ALA A 247 -1.65 15.22 -7.82
N PHE A 248 -1.58 16.48 -8.29
CA PHE A 248 -2.10 17.59 -7.51
C PHE A 248 -3.58 17.42 -7.21
N PHE A 249 -4.37 17.12 -8.25
CA PHE A 249 -5.81 17.00 -8.03
C PHE A 249 -6.17 15.73 -7.28
N ALA A 250 -5.36 14.69 -7.39
CA ALA A 250 -5.59 13.49 -6.58
C ALA A 250 -5.31 13.77 -5.11
N CYS A 251 -4.29 14.56 -4.82
CA CYS A 251 -4.03 14.98 -3.45
C CYS A 251 -5.17 15.82 -2.91
N TRP A 252 -5.72 16.70 -3.74
CA TRP A 252 -6.71 17.65 -3.24
C TRP A 252 -8.15 17.14 -3.29
N LEU A 253 -8.44 16.09 -4.04
CA LEU A 253 -9.82 15.67 -4.25
C LEU A 253 -10.53 15.20 -2.98
N PRO A 254 -9.98 14.31 -2.15
CA PRO A 254 -10.70 13.92 -0.93
C PRO A 254 -11.01 15.09 -0.01
N TYR A 255 -10.09 16.06 0.09
CA TYR A 255 -10.37 17.26 0.88
C TYR A 255 -11.52 18.05 0.30
N TYR A 256 -11.58 18.17 -1.02
CA TYR A 256 -12.65 18.94 -1.64
C TYR A 256 -13.99 18.25 -1.48
N ILE A 257 -14.01 16.92 -1.55
CA ILE A 257 -15.25 16.18 -1.26
C ILE A 257 -15.67 16.42 0.18
N GLY A 258 -14.71 16.36 1.11
CA GLY A 258 -15.01 16.59 2.51
C GLY A 258 -15.58 17.98 2.77
N ILE A 259 -14.97 19.00 2.17
CA ILE A 259 -15.45 20.35 2.45
C ILE A 259 -16.73 20.66 1.68
N SER A 260 -16.98 20.00 0.55
CA SER A 260 -18.28 20.16 -0.10
C SER A 260 -19.38 19.55 0.74
N ILE A 261 -19.14 18.35 1.28
CA ILE A 261 -20.12 17.72 2.17
C ILE A 261 -20.31 18.58 3.42
N ASP A 262 -19.22 19.13 3.96
CA ASP A 262 -19.32 19.97 5.15
C ASP A 262 -20.10 21.24 4.87
N SER A 263 -19.86 21.87 3.70
CA SER A 263 -20.60 23.07 3.35
C SER A 263 -22.08 22.79 3.15
N PHE A 264 -22.42 21.63 2.59
CA PHE A 264 -23.84 21.29 2.48
C PHE A 264 -24.43 20.92 3.84
N ILE A 265 -23.61 20.42 4.78
CA ILE A 265 -24.08 20.22 6.14
C ILE A 265 -24.40 21.56 6.80
N LEU A 266 -23.51 22.54 6.63
CA LEU A 266 -23.72 23.85 7.24
C LEU A 266 -24.93 24.55 6.63
N LEU A 267 -25.24 24.28 5.37
CA LEU A 267 -26.37 24.88 4.68
C LEU A 267 -27.68 24.16 4.99
N GLU A 268 -27.71 23.31 6.02
CA GLU A 268 -28.90 22.60 6.46
C GLU A 268 -29.50 21.73 5.36
N ILE A 269 -28.66 21.20 4.48
CA ILE A 269 -29.10 20.28 3.44
C ILE A 269 -28.81 18.83 3.82
N ILE A 270 -27.68 18.58 4.47
CA ILE A 270 -27.39 17.26 5.02
C ILE A 270 -27.74 17.34 6.50
N LYS A 271 -28.99 17.02 6.82
CA LYS A 271 -29.48 17.12 8.20
C LYS A 271 -29.33 15.79 8.93
N GLN A 272 -28.10 15.30 8.96
CA GLN A 272 -27.78 14.08 9.70
C GLN A 272 -27.29 14.46 11.10
N GLY A 273 -26.83 13.47 11.87
CA GLY A 273 -26.45 13.71 13.24
C GLY A 273 -25.18 14.52 13.38
N CYS A 274 -24.96 14.99 14.61
CA CYS A 274 -23.75 15.77 14.90
C CYS A 274 -22.50 14.90 14.81
N GLU A 275 -22.63 13.60 15.01
CA GLU A 275 -21.48 12.71 14.87
C GLU A 275 -21.00 12.67 13.42
N PHE A 276 -21.92 12.76 12.46
CA PHE A 276 -21.51 12.91 11.07
C PHE A 276 -20.83 14.25 10.83
N GLU A 277 -21.33 15.31 11.46
CA GLU A 277 -20.70 16.62 11.33
C GLU A 277 -19.31 16.64 11.96
N ASN A 278 -19.04 15.73 12.89
CA ASN A 278 -17.71 15.63 13.47
C ASN A 278 -16.79 14.73 12.65
N THR A 279 -17.34 13.65 12.07
CA THR A 279 -16.51 12.79 11.23
C THR A 279 -16.15 13.45 9.91
N VAL A 280 -17.02 14.35 9.41
CA VAL A 280 -16.64 15.10 8.21
C VAL A 280 -15.54 16.11 8.55
N HIS A 281 -15.56 16.67 9.75
CA HIS A 281 -14.48 17.57 10.16
C HIS A 281 -13.16 16.82 10.32
N LYS A 282 -13.21 15.62 10.89
CA LYS A 282 -12.02 14.79 10.96
C LYS A 282 -11.51 14.42 9.57
N TRP A 283 -12.43 14.08 8.67
CA TRP A 283 -12.06 13.81 7.29
C TRP A 283 -11.35 15.00 6.68
N ILE A 284 -11.89 16.21 6.90
CA ILE A 284 -11.28 17.42 6.37
C ILE A 284 -9.88 17.60 6.94
N SER A 285 -9.70 17.34 8.24
CA SER A 285 -8.40 17.53 8.87
C SER A 285 -7.34 16.62 8.27
N ILE A 286 -7.60 15.31 8.24
CA ILE A 286 -6.60 14.39 7.68
C ILE A 286 -6.43 14.58 6.18
N THR A 287 -7.52 14.82 5.44
CA THR A 287 -7.38 14.98 4.00
C THR A 287 -6.74 16.31 3.61
N GLU A 288 -6.84 17.33 4.45
CA GLU A 288 -6.12 18.58 4.21
C GLU A 288 -4.65 18.43 4.53
N ALA A 289 -4.31 17.71 5.60
CA ALA A 289 -2.91 17.41 5.86
C ALA A 289 -2.31 16.58 4.74
N LEU A 290 -3.07 15.61 4.22
CA LEU A 290 -2.62 14.76 3.12
C LEU A 290 -2.62 15.47 1.79
N ALA A 291 -3.37 16.56 1.64
CA ALA A 291 -3.37 17.34 0.41
C ALA A 291 -2.18 18.27 0.30
N PHE A 292 -1.45 18.48 1.40
CA PHE A 292 -0.25 19.30 1.38
C PHE A 292 0.92 18.59 0.72
N PHE A 293 0.75 17.32 0.36
CA PHE A 293 1.73 16.58 -0.43
C PHE A 293 1.89 17.14 -1.83
N HIS A 294 0.99 18.00 -2.27
CA HIS A 294 1.15 18.72 -3.53
C HIS A 294 2.37 19.63 -3.52
N CYS A 295 2.77 20.12 -2.34
CA CYS A 295 3.98 20.91 -2.18
C CYS A 295 5.23 20.08 -2.35
N CYS A 296 5.12 18.76 -2.31
CA CYS A 296 6.26 17.86 -2.42
C CYS A 296 6.39 17.21 -3.78
N LEU A 297 5.33 17.19 -4.59
CA LEU A 297 5.36 16.41 -5.82
C LEU A 297 5.93 17.18 -6.99
N ASN A 298 5.97 18.52 -6.91
CA ASN A 298 6.70 19.27 -7.92
C ASN A 298 8.19 18.94 -7.94
N PRO A 299 8.92 18.92 -6.81
CA PRO A 299 10.32 18.46 -6.87
C PRO A 299 10.46 16.97 -7.16
N ILE A 300 9.47 16.16 -6.80
CA ILE A 300 9.52 14.73 -7.05
C ILE A 300 9.56 14.41 -8.53
N LEU A 301 8.78 15.10 -9.36
CA LEU A 301 8.84 14.97 -10.80
C LEU A 301 10.07 15.64 -11.41
N TYR A 302 10.98 16.13 -10.58
CA TYR A 302 12.34 16.43 -11.02
C TYR A 302 13.34 15.35 -10.63
N ALA A 303 13.10 14.66 -9.51
CA ALA A 303 13.86 13.45 -9.20
C ALA A 303 13.57 12.41 -10.25
N PHE A 304 12.30 12.03 -10.41
CA PHE A 304 11.86 11.24 -11.55
C PHE A 304 11.51 12.18 -12.69
N LEU A 305 10.94 11.66 -13.77
CA LEU A 305 10.42 12.51 -14.83
C LEU A 305 9.00 12.08 -15.20
N GLU B 26 -0.67 12.52 39.10
CA GLU B 26 -0.26 13.39 37.96
C GLU B 26 0.09 12.53 36.75
N PRO B 27 1.08 11.60 36.80
CA PRO B 27 1.50 10.85 35.58
C PRO B 27 0.29 10.25 34.92
N CYS B 28 0.23 10.33 33.59
CA CYS B 28 -0.90 9.73 32.84
C CYS B 28 -1.15 8.42 33.58
N PHE B 29 -0.09 7.73 34.00
CA PHE B 29 -0.08 6.29 34.36
C PHE B 29 -0.10 5.44 33.08
N ARG B 30 1.01 5.41 32.36
CA ARG B 30 1.10 4.51 31.17
C ARG B 30 1.52 3.07 31.45
N GLU B 31 0.59 2.11 31.33
CA GLU B 31 0.94 0.72 31.70
C GLU B 31 0.61 -0.31 30.62
N GLU B 32 -0.11 0.08 29.57
CA GLU B 32 -0.42 -0.92 28.51
C GLU B 32 0.38 -0.98 27.21
N ASN B 33 0.82 -2.18 26.82
CA ASN B 33 1.48 -2.33 25.49
C ASN B 33 0.41 -2.91 24.55
N ALA B 34 -0.83 -2.49 24.73
CA ALA B 34 -1.95 -3.04 23.93
C ALA B 34 -1.88 -4.57 23.96
N ASN B 35 -2.22 -5.20 22.84
CA ASN B 35 -2.13 -6.69 22.75
C ASN B 35 -1.66 -6.97 21.34
N PHE B 36 -2.00 -6.07 20.41
CA PHE B 36 -1.50 -6.22 19.02
C PHE B 36 -0.03 -5.92 19.04
N ASN B 37 0.37 -4.93 19.84
CA ASN B 37 1.79 -4.52 19.88
C ASN B 37 2.58 -5.54 20.70
N LYS B 38 1.98 -6.66 21.05
CA LYS B 38 2.74 -7.72 21.75
C LYS B 38 2.85 -8.90 20.79
N ILE B 39 2.28 -8.77 19.59
CA ILE B 39 2.41 -9.83 18.57
C ILE B 39 2.87 -9.15 17.27
N PHE B 40 2.49 -7.90 17.07
CA PHE B 40 2.96 -7.14 15.88
C PHE B 40 4.41 -6.81 16.10
N LEU B 41 4.75 -6.26 17.26
CA LEU B 41 6.14 -5.86 17.45
C LEU B 41 7.10 -7.03 17.40
N PRO B 42 6.84 -8.18 18.05
CA PRO B 42 7.73 -9.33 17.81
C PRO B 42 7.78 -9.77 16.36
N THR B 43 6.68 -9.64 15.63
CA THR B 43 6.69 -9.97 14.21
C THR B 43 7.61 -9.03 13.43
N ILE B 44 7.50 -7.72 13.70
CA ILE B 44 8.35 -6.75 13.03
C ILE B 44 9.81 -6.97 13.40
N TYR B 45 10.07 -7.24 14.69
CA TYR B 45 11.43 -7.51 15.14
C TYR B 45 11.99 -8.76 14.50
N SER B 46 11.16 -9.78 14.29
CA SER B 46 11.64 -11.02 13.67
C SER B 46 11.89 -10.83 12.18
N ILE B 47 11.02 -10.09 11.50
CA ILE B 47 11.24 -9.80 10.08
C ILE B 47 12.53 -9.03 9.91
N ILE B 48 12.74 -8.00 10.74
CA ILE B 48 13.96 -7.21 10.66
C ILE B 48 15.16 -8.02 11.11
N PHE B 49 14.99 -8.92 12.07
CA PHE B 49 16.10 -9.77 12.51
C PHE B 49 16.56 -10.69 11.38
N LEU B 50 15.62 -11.35 10.71
CA LEU B 50 15.98 -12.20 9.58
C LEU B 50 16.62 -11.39 8.47
N THR B 51 15.97 -10.31 8.04
CA THR B 51 16.49 -9.52 6.93
C THR B 51 17.83 -8.90 7.26
N GLY B 52 17.96 -8.34 8.47
CA GLY B 52 19.21 -7.72 8.87
C GLY B 52 20.34 -8.73 9.02
N ILE B 53 20.07 -9.87 9.66
CA ILE B 53 21.11 -10.88 9.82
C ILE B 53 21.59 -11.35 8.45
N VAL B 54 20.66 -11.76 7.59
CA VAL B 54 21.06 -12.32 6.30
C VAL B 54 21.74 -11.25 5.45
N GLY B 55 21.10 -10.08 5.30
CA GLY B 55 21.65 -9.07 4.42
C GLY B 55 22.95 -8.49 4.91
N ASN B 56 23.03 -8.13 6.19
CA ASN B 56 24.25 -7.53 6.72
C ASN B 56 25.37 -8.54 6.83
N GLY B 57 25.07 -9.81 7.14
CA GLY B 57 26.09 -10.83 7.08
C GLY B 57 26.61 -11.04 5.68
N LEU B 58 25.71 -11.00 4.69
CA LEU B 58 26.15 -11.15 3.31
C LEU B 58 26.96 -9.96 2.84
N VAL B 59 26.64 -8.75 3.31
CA VAL B 59 27.46 -7.60 2.97
C VAL B 59 28.83 -7.69 3.62
N ILE B 60 28.89 -8.05 4.91
CA ILE B 60 30.17 -8.15 5.60
C ILE B 60 31.02 -9.27 4.98
N LEU B 61 30.39 -10.37 4.58
CA LEU B 61 31.13 -11.43 3.91
C LEU B 61 31.63 -10.99 2.55
N VAL B 62 30.75 -10.42 1.73
CA VAL B 62 31.12 -10.02 0.38
C VAL B 62 32.05 -8.82 0.41
N MET B 63 31.73 -7.81 1.21
CA MET B 63 32.54 -6.59 1.23
C MET B 63 33.72 -6.71 2.19
N GLY B 64 33.45 -6.98 3.47
CA GLY B 64 34.49 -6.92 4.48
C GLY B 64 35.37 -8.15 4.60
N TYR B 65 35.07 -9.19 3.82
CA TYR B 65 35.89 -10.40 3.84
C TYR B 65 36.34 -10.79 2.43
N GLN B 66 35.45 -10.65 1.46
CA GLN B 66 35.82 -10.91 0.07
C GLN B 66 35.83 -9.39 0.05
N LYS B 67 36.99 -8.80 -0.18
CA LYS B 67 37.17 -7.32 -0.23
C LYS B 67 36.52 -7.05 -1.59
N LYS B 68 35.23 -6.79 -1.64
CA LYS B 68 34.61 -6.38 -2.92
C LYS B 68 34.24 -4.92 -2.67
N LEU B 69 34.86 -4.27 -1.68
CA LEU B 69 34.61 -2.84 -1.37
C LEU B 69 35.28 -2.35 -2.65
N ARG B 70 34.53 -1.85 -3.63
CA ARG B 70 35.20 -1.06 -4.68
C ARG B 70 35.25 0.43 -4.30
N SER B 71 34.08 1.04 -4.04
CA SER B 71 33.97 2.49 -3.79
C SER B 71 34.38 2.89 -2.39
N MET B 72 34.15 4.14 -2.04
CA MET B 72 34.42 4.64 -0.69
C MET B 72 33.07 4.77 -0.03
N THR B 73 31.99 4.54 -0.77
CA THR B 73 30.66 4.49 -0.17
C THR B 73 30.55 3.08 0.30
N ASP B 74 31.22 2.16 -0.37
CA ASP B 74 31.11 0.77 0.05
C ASP B 74 31.85 0.46 1.33
N LYS B 75 32.84 1.25 1.71
CA LYS B 75 33.47 1.08 3.01
C LYS B 75 32.58 1.60 4.12
N TYR B 76 31.97 2.77 3.92
CA TYR B 76 31.00 3.29 4.88
C TYR B 76 29.79 2.38 4.96
N ARG B 77 29.37 1.82 3.82
CA ARG B 77 28.25 0.88 3.86
C ARG B 77 28.64 -0.42 4.54
N LEU B 78 29.92 -0.79 4.48
CA LEU B 78 30.41 -1.89 5.31
C LEU B 78 30.30 -1.55 6.79
N HIS B 79 30.62 -0.30 7.16
CA HIS B 79 30.44 0.14 8.54
C HIS B 79 28.98 0.08 8.96
N LEU B 80 28.07 0.52 8.07
CA LEU B 80 26.64 0.39 8.33
C LEU B 80 26.24 -1.06 8.54
N SER B 81 26.76 -1.96 7.70
CA SER B 81 26.38 -3.36 7.84
C SER B 81 26.88 -3.94 9.15
N VAL B 82 28.07 -3.54 9.59
CA VAL B 82 28.57 -4.00 10.89
C VAL B 82 27.69 -3.50 12.02
N ALA B 83 27.32 -2.21 11.98
CA ALA B 83 26.46 -1.65 13.02
C ALA B 83 25.08 -2.31 13.03
N ASP B 84 24.50 -2.50 11.86
CA ASP B 84 23.17 -3.10 11.76
C ASP B 84 23.20 -4.56 12.18
N LEU B 85 24.27 -5.28 11.86
CA LEU B 85 24.41 -6.64 12.34
C LEU B 85 24.50 -6.67 13.85
N LEU B 86 25.26 -5.75 14.44
CA LEU B 86 25.35 -5.68 15.89
C LEU B 86 23.98 -5.46 16.52
N PHE B 87 23.15 -4.60 15.91
CA PHE B 87 21.83 -4.35 16.48
C PHE B 87 20.89 -5.54 16.28
N VAL B 88 20.94 -6.19 15.12
CA VAL B 88 20.01 -7.29 14.89
C VAL B 88 20.42 -8.54 15.65
N ILE B 89 21.65 -8.63 16.16
CA ILE B 89 21.96 -9.65 17.15
C ILE B 89 21.07 -9.49 18.39
N THR B 90 20.90 -8.26 18.84
CA THR B 90 20.10 -7.99 20.04
C THR B 90 18.61 -7.89 19.76
N LEU B 91 18.21 -7.78 18.51
CA LEU B 91 16.78 -7.71 18.15
C LEU B 91 15.91 -8.86 18.69
N PRO B 92 16.39 -10.11 18.77
CA PRO B 92 15.57 -11.14 19.44
C PRO B 92 15.22 -10.81 20.87
N PHE B 93 16.11 -10.12 21.59
CA PHE B 93 15.78 -9.66 22.94
C PHE B 93 14.64 -8.66 22.91
N TRP B 94 14.61 -7.78 21.91
CA TRP B 94 13.47 -6.88 21.73
C TRP B 94 12.20 -7.67 21.45
N ALA B 95 12.29 -8.71 20.62
CA ALA B 95 11.12 -9.52 20.31
C ALA B 95 10.57 -10.22 21.55
N VAL B 96 11.46 -10.73 22.41
CA VAL B 96 11.01 -11.36 23.65
C VAL B 96 10.46 -10.33 24.63
N ASP B 97 11.11 -9.19 24.78
CA ASP B 97 10.65 -8.13 25.67
C ASP B 97 9.33 -7.52 25.20
N ALA B 98 9.01 -7.62 23.92
CA ALA B 98 7.74 -7.11 23.42
C ALA B 98 6.55 -7.99 23.77
N VAL B 99 6.72 -9.31 23.82
CA VAL B 99 5.63 -10.23 24.12
C VAL B 99 5.70 -10.76 25.55
N ALA B 100 6.87 -11.19 25.99
CA ALA B 100 7.16 -11.43 27.40
C ALA B 100 7.76 -10.14 27.94
N ASN B 101 8.40 -10.17 29.09
CA ASN B 101 9.14 -9.01 29.55
C ASN B 101 10.59 -9.44 29.78
N TRP B 102 11.42 -8.50 30.23
CA TRP B 102 12.86 -8.73 30.29
C TRP B 102 13.19 -9.66 31.45
N TYR B 103 13.30 -10.95 31.12
CA TYR B 103 13.78 -11.95 32.06
C TYR B 103 15.18 -12.43 31.70
N PHE B 104 15.99 -11.54 31.15
CA PHE B 104 17.35 -11.86 30.74
C PHE B 104 18.41 -11.40 31.74
N GLY B 105 18.18 -10.31 32.44
CA GLY B 105 19.10 -9.83 33.44
C GLY B 105 19.55 -8.41 33.19
N ASN B 106 20.12 -7.81 34.24
CA ASN B 106 20.62 -6.44 34.20
C ASN B 106 21.76 -6.28 33.21
N PHE B 107 22.70 -7.23 33.17
CA PHE B 107 23.81 -7.12 32.23
C PHE B 107 23.32 -7.19 30.79
N LEU B 108 22.36 -8.08 30.51
CA LEU B 108 21.85 -8.16 29.15
C LEU B 108 21.02 -6.95 28.78
N CYS B 109 20.28 -6.37 29.74
CA CYS B 109 19.58 -5.11 29.48
C CYS B 109 20.57 -4.00 29.13
N LYS B 110 21.66 -3.92 29.89
CA LYS B 110 22.68 -2.92 29.60
C LYS B 110 23.32 -3.15 28.24
N ALA B 111 23.62 -4.41 27.91
CA ALA B 111 24.29 -4.71 26.64
C ALA B 111 23.37 -4.39 25.45
N VAL B 112 22.10 -4.76 25.55
CA VAL B 112 21.17 -4.49 24.46
C VAL B 112 20.96 -2.99 24.28
N HIS B 113 20.85 -2.26 25.39
CA HIS B 113 20.68 -0.81 25.26
C HIS B 113 21.94 -0.14 24.72
N VAL B 114 23.11 -0.62 25.14
CA VAL B 114 24.37 -0.06 24.64
C VAL B 114 24.49 -0.29 23.14
N ILE B 115 24.18 -1.51 22.69
CA ILE B 115 24.27 -1.81 21.27
C ILE B 115 23.23 -1.05 20.47
N TYR B 116 22.04 -0.84 21.05
CA TYR B 116 21.02 -0.02 20.41
C TYR B 116 21.50 1.40 20.21
N THR B 117 22.10 2.00 21.25
CA THR B 117 22.61 3.36 21.13
C THR B 117 23.77 3.45 20.13
N VAL B 118 24.64 2.44 20.14
CA VAL B 118 25.76 2.41 19.21
C VAL B 118 25.25 2.37 17.78
N ASN B 119 24.27 1.51 17.50
CA ASN B 119 23.67 1.48 16.17
C ASN B 119 23.02 2.82 15.83
N LEU B 120 22.23 3.36 16.77
CA LEU B 120 21.49 4.60 16.56
C LEU B 120 22.40 5.73 16.09
N TYR B 121 23.49 5.94 16.82
CA TYR B 121 24.33 7.09 16.48
C TYR B 121 25.34 6.76 15.39
N SER B 122 25.90 5.54 15.39
CA SER B 122 26.88 5.17 14.40
C SER B 122 26.30 5.17 13.00
N SER B 123 25.07 4.66 12.82
CA SER B 123 24.50 4.58 11.48
C SER B 123 24.28 5.97 10.88
N VAL B 124 23.72 6.89 11.66
CA VAL B 124 23.45 8.23 11.14
C VAL B 124 24.76 9.00 10.95
N LEU B 125 25.77 8.76 11.80
CA LEU B 125 27.06 9.42 11.57
C LEU B 125 27.77 8.84 10.36
N ILE B 126 27.58 7.54 10.09
CA ILE B 126 28.14 6.96 8.86
C ILE B 126 27.45 7.56 7.64
N LEU B 127 26.15 7.80 7.73
CA LEU B 127 25.46 8.44 6.61
C LEU B 127 25.93 9.89 6.43
N ALA B 128 26.21 10.59 7.52
CA ALA B 128 26.82 11.91 7.42
C ALA B 128 28.18 11.83 6.75
N PHE B 129 28.97 10.81 7.08
CA PHE B 129 30.26 10.61 6.43
C PHE B 129 30.10 10.27 4.95
N ILE B 130 29.05 9.53 4.60
CA ILE B 130 28.76 9.23 3.20
C ILE B 130 28.46 10.53 2.45
N SER B 131 27.65 11.39 3.07
CA SER B 131 27.33 12.67 2.45
C SER B 131 28.57 13.54 2.29
N LEU B 132 29.44 13.56 3.30
CA LEU B 132 30.66 14.36 3.20
C LEU B 132 31.64 13.79 2.18
N ASP B 133 31.72 12.46 2.08
CA ASP B 133 32.55 11.82 1.07
C ASP B 133 32.05 12.14 -0.32
N ARG B 134 30.72 12.10 -0.53
CA ARG B 134 30.15 12.49 -1.81
C ARG B 134 30.39 13.96 -2.10
N TYR B 135 30.30 14.80 -1.07
CA TYR B 135 30.59 16.22 -1.24
C TYR B 135 32.01 16.44 -1.71
N LEU B 136 32.97 15.74 -1.12
CA LEU B 136 34.34 15.83 -1.58
C LEU B 136 34.52 15.21 -2.96
N ALA B 137 33.71 14.21 -3.30
CA ALA B 137 33.84 13.54 -4.60
C ALA B 137 33.38 14.43 -5.75
N ILE B 138 32.20 15.04 -5.62
CA ILE B 138 31.67 15.85 -6.72
C ILE B 138 32.22 17.28 -6.67
N VAL B 139 32.12 17.94 -5.51
CA VAL B 139 32.47 19.35 -5.43
C VAL B 139 33.97 19.55 -5.62
N HIS B 140 34.78 18.93 -4.77
CA HIS B 140 36.23 18.98 -4.90
C HIS B 140 36.75 17.75 -5.64
N ALA B 141 36.30 17.61 -6.90
CA ALA B 141 36.59 16.40 -7.66
C ALA B 141 38.08 16.23 -7.91
N THR B 142 38.82 17.34 -8.03
CA THR B 142 40.24 17.22 -8.37
C THR B 142 41.09 16.92 -7.14
N ASN B 143 41.13 17.84 -6.18
CA ASN B 143 41.97 17.69 -5.00
C ASN B 143 41.23 17.07 -3.83
N SER B 144 40.52 15.95 -4.04
CA SER B 144 39.99 15.15 -2.93
C SER B 144 40.11 13.68 -3.31
N GLN B 145 41.28 13.11 -3.05
CA GLN B 145 41.48 11.67 -3.03
C GLN B 145 42.24 11.21 -1.79
N ARG B 146 43.05 12.06 -1.19
CA ARG B 146 43.65 11.85 0.12
C ARG B 146 42.64 12.16 1.23
N PRO B 147 41.90 13.29 1.21
CA PRO B 147 40.86 13.48 2.24
C PRO B 147 39.78 12.41 2.23
N ARG B 148 39.38 11.92 1.06
CA ARG B 148 38.36 10.88 1.00
C ARG B 148 38.90 9.51 1.39
N LYS B 149 40.21 9.29 1.26
CA LYS B 149 40.83 8.08 1.77
C LYS B 149 41.21 8.22 3.24
N LEU B 150 41.48 9.45 3.70
CA LEU B 150 41.65 9.72 5.12
C LEU B 150 40.37 9.52 5.91
N LEU B 151 39.25 10.09 5.45
CA LEU B 151 37.99 9.95 6.16
C LEU B 151 37.55 8.49 6.24
N ALA B 152 37.62 7.76 5.13
CA ALA B 152 37.09 6.41 5.08
C ALA B 152 37.96 5.39 5.79
N GLU B 153 39.22 5.72 6.10
CA GLU B 153 40.12 4.76 6.70
C GLU B 153 40.56 5.09 8.11
N LYS B 154 40.67 6.37 8.49
CA LYS B 154 41.11 6.67 9.85
C LYS B 154 40.13 7.59 10.57
N VAL B 155 39.57 8.57 9.86
CA VAL B 155 38.68 9.54 10.50
C VAL B 155 37.30 8.99 10.73
N VAL B 156 36.88 7.97 9.96
CA VAL B 156 35.57 7.36 10.19
C VAL B 156 35.46 6.76 11.58
N TYR B 157 36.53 6.14 12.10
CA TYR B 157 36.48 5.58 13.44
C TYR B 157 36.28 6.66 14.50
N VAL B 158 37.13 7.70 14.48
CA VAL B 158 37.04 8.75 15.48
C VAL B 158 35.82 9.64 15.31
N GLY B 159 35.16 9.61 14.15
CA GLY B 159 34.00 10.44 13.95
C GLY B 159 32.69 9.71 13.96
N VAL B 160 32.72 8.38 14.03
CA VAL B 160 31.51 7.59 14.06
C VAL B 160 31.50 6.70 15.30
N TRP B 161 32.52 5.85 15.44
CA TRP B 161 32.46 4.80 16.44
C TRP B 161 32.86 5.31 17.82
N ILE B 162 33.82 6.22 17.89
CA ILE B 162 34.16 6.87 19.16
C ILE B 162 32.97 7.71 19.63
N PRO B 163 32.34 8.56 18.80
CA PRO B 163 31.12 9.24 19.29
C PRO B 163 29.99 8.29 19.66
N ALA B 164 29.76 7.24 18.87
CA ALA B 164 28.69 6.30 19.17
C ALA B 164 28.96 5.50 20.43
N LEU B 165 30.22 5.31 20.79
CA LEU B 165 30.58 4.67 22.05
C LEU B 165 30.75 5.66 23.19
N LEU B 166 30.67 6.96 22.92
CA LEU B 166 30.69 7.97 23.96
C LEU B 166 29.29 8.41 24.39
N LEU B 167 28.32 8.35 23.50
CA LEU B 167 26.93 8.65 23.84
C LEU B 167 26.18 7.42 24.34
N THR B 168 26.85 6.28 24.47
CA THR B 168 26.28 5.10 25.12
C THR B 168 26.63 5.03 26.59
N ILE B 169 27.31 6.05 27.12
CA ILE B 169 27.58 6.10 28.56
C ILE B 169 26.30 6.12 29.39
N PRO B 170 25.26 6.88 29.06
CA PRO B 170 24.00 6.74 29.80
C PRO B 170 23.38 5.35 29.70
N ASP B 171 23.70 4.57 28.68
CA ASP B 171 23.24 3.18 28.65
C ASP B 171 24.02 2.28 29.57
N PHE B 172 25.23 2.68 29.98
CA PHE B 172 25.93 1.99 31.05
C PHE B 172 25.51 2.47 32.42
N ILE B 173 25.08 3.72 32.53
CA ILE B 173 24.78 4.30 33.84
C ILE B 173 23.32 4.05 34.24
N PHE B 174 22.37 4.31 33.36
CA PHE B 174 20.96 4.34 33.73
C PHE B 174 20.15 3.15 33.25
N ALA B 175 20.65 2.35 32.30
CA ALA B 175 19.88 1.21 31.80
C ALA B 175 19.90 0.09 32.83
N ASN B 176 18.73 -0.27 33.32
CA ASN B 176 18.67 -1.30 34.36
C ASN B 176 17.34 -1.98 34.19
N VAL B 177 17.22 -3.25 34.57
CA VAL B 177 15.92 -3.94 34.54
C VAL B 177 15.19 -3.52 35.80
N SER B 178 14.03 -2.87 35.67
CA SER B 178 13.24 -2.49 36.86
C SER B 178 12.21 -3.58 37.16
N GLU B 179 12.43 -4.34 38.23
CA GLU B 179 11.45 -5.38 38.64
C GLU B 179 10.08 -4.71 38.77
N ALA B 180 10.01 -3.65 39.57
CA ALA B 180 8.73 -2.90 39.75
C ALA B 180 7.71 -4.01 40.00
N ASP B 181 6.65 -4.04 39.18
CA ASP B 181 5.58 -5.06 39.34
C ASP B 181 6.06 -6.42 38.83
N ASP B 182 5.15 -7.39 38.75
CA ASP B 182 5.51 -8.70 38.16
C ASP B 182 6.40 -8.60 36.92
N ARG B 183 6.07 -7.67 36.02
CA ARG B 183 6.84 -7.52 34.75
C ARG B 183 8.16 -6.82 35.09
N TYR B 184 9.28 -7.52 34.86
CA TYR B 184 10.61 -6.88 35.02
C TYR B 184 10.86 -6.04 33.78
N ILE B 185 10.62 -4.74 33.84
CA ILE B 185 10.76 -3.88 32.63
C ILE B 185 12.22 -3.42 32.50
N CYS B 186 12.81 -3.57 31.31
CA CYS B 186 14.19 -3.08 31.08
C CYS B 186 14.08 -1.80 30.28
N ASP B 187 14.57 -0.70 30.82
CA ASP B 187 14.58 0.57 30.07
C ASP B 187 15.65 1.40 30.71
N ARG B 188 15.98 2.54 30.12
CA ARG B 188 16.97 3.45 30.68
C ARG B 188 16.27 4.38 31.66
N PHE B 189 16.50 4.16 32.95
CA PHE B 189 15.74 4.81 34.02
C PHE B 189 16.57 5.94 34.63
N TYR B 190 16.08 7.15 34.48
CA TYR B 190 16.76 8.35 34.96
C TYR B 190 16.20 8.78 36.30
N PRO B 191 16.96 9.58 37.08
CA PRO B 191 16.42 10.10 38.33
C PRO B 191 15.18 10.96 38.15
N ASN B 192 15.28 12.02 37.34
CA ASN B 192 14.15 12.93 37.14
C ASN B 192 13.53 12.71 35.77
N ASP B 193 12.43 13.41 35.50
CA ASP B 193 11.86 13.46 34.15
C ASP B 193 12.50 14.54 33.29
N LEU B 194 13.30 15.42 33.89
CA LEU B 194 14.08 16.38 33.13
C LEU B 194 15.29 15.75 32.46
N TRP B 195 15.87 14.73 33.07
CA TRP B 195 16.90 13.93 32.42
C TRP B 195 16.38 13.18 31.20
N VAL B 196 15.16 12.64 31.28
CA VAL B 196 14.53 12.02 30.12
C VAL B 196 14.39 13.04 29.00
N VAL B 197 13.99 14.26 29.32
CA VAL B 197 13.83 15.29 28.31
C VAL B 197 15.17 15.67 27.70
N VAL B 198 16.19 15.89 28.54
CA VAL B 198 17.48 16.34 27.99
C VAL B 198 18.12 15.24 27.16
N PHE B 199 17.95 13.97 27.54
CA PHE B 199 18.53 12.90 26.74
C PHE B 199 17.72 12.62 25.49
N GLN B 200 16.40 12.83 25.52
CA GLN B 200 15.62 12.75 24.29
C GLN B 200 15.97 13.88 23.34
N PHE B 201 16.23 15.07 23.88
CA PHE B 201 16.70 16.18 23.05
C PHE B 201 18.07 15.91 22.47
N GLN B 202 18.97 15.30 23.26
CA GLN B 202 20.26 14.90 22.70
C GLN B 202 20.09 13.86 21.61
N HIS B 203 19.20 12.89 21.82
CA HIS B 203 18.86 11.92 20.78
C HIS B 203 18.41 12.61 19.51
N ILE B 204 17.43 13.51 19.63
CA ILE B 204 16.88 14.20 18.47
C ILE B 204 17.97 14.99 17.76
N MET B 205 18.78 15.74 18.53
CA MET B 205 19.82 16.57 17.96
C MET B 205 20.83 15.72 17.19
N VAL B 206 21.57 14.87 17.90
CA VAL B 206 22.73 14.20 17.31
C VAL B 206 22.29 12.97 16.52
N GLY B 207 20.97 12.77 16.36
CA GLY B 207 20.52 11.71 15.49
C GLY B 207 19.73 12.17 14.30
N LEU B 208 19.13 13.35 14.37
CA LEU B 208 18.33 13.89 13.27
C LEU B 208 18.80 15.25 12.81
N ILE B 209 19.06 16.18 13.74
CA ILE B 209 19.22 17.58 13.37
C ILE B 209 20.64 17.84 12.86
N LEU B 210 21.63 17.64 13.72
CA LEU B 210 23.01 17.92 13.31
C LEU B 210 23.48 17.02 12.17
N PRO B 211 23.38 15.69 12.24
CA PRO B 211 23.71 14.90 11.04
C PRO B 211 22.80 15.20 9.87
N GLY B 212 21.52 15.48 10.11
CA GLY B 212 20.63 15.83 9.03
C GLY B 212 20.98 17.17 8.40
N ILE B 213 21.37 18.15 9.22
CA ILE B 213 21.82 19.44 8.69
C ILE B 213 23.07 19.26 7.86
N VAL B 214 24.02 18.44 8.35
CA VAL B 214 25.25 18.20 7.60
C VAL B 214 24.95 17.53 6.27
N ILE B 215 24.07 16.52 6.28
CA ILE B 215 23.72 15.79 5.06
C ILE B 215 23.02 16.71 4.07
N LEU B 216 22.08 17.52 4.57
CA LEU B 216 21.36 18.43 3.69
C LEU B 216 22.28 19.48 3.10
N SER B 217 23.20 20.02 3.89
CA SER B 217 24.15 21.00 3.37
C SER B 217 25.05 20.37 2.31
N CYS B 218 25.56 19.17 2.59
CA CYS B 218 26.43 18.50 1.64
C CYS B 218 25.72 18.23 0.32
N TYR B 219 24.49 17.72 0.39
CA TYR B 219 23.77 17.38 -0.83
C TYR B 219 23.24 18.61 -1.56
N CYS B 220 22.92 19.68 -0.84
CA CYS B 220 22.51 20.91 -1.52
C CYS B 220 23.69 21.53 -2.27
N ILE B 221 24.88 21.52 -1.68
CA ILE B 221 26.04 22.01 -2.40
C ILE B 221 26.38 21.08 -3.57
N ILE B 222 26.20 19.77 -3.38
CA ILE B 222 26.42 18.83 -4.49
C ILE B 222 25.47 19.13 -5.64
N ILE B 223 24.18 19.33 -5.34
CA ILE B 223 23.21 19.67 -6.37
C ILE B 223 23.56 20.99 -7.05
N SER B 224 23.95 22.01 -6.29
CA SER B 224 24.36 23.27 -6.89
C SER B 224 25.61 23.13 -7.75
N LYS B 225 26.47 22.15 -7.47
CA LYS B 225 27.64 21.90 -8.30
C LYS B 225 27.39 20.89 -9.41
N LEU B 226 26.55 19.90 -9.16
CA LEU B 226 26.36 18.85 -10.19
C LEU B 226 25.48 19.44 -11.29
N SER B 227 24.57 20.32 -10.92
CA SER B 227 23.67 20.96 -11.91
C SER B 227 24.52 21.78 -12.91
N HIS B 228 25.14 22.85 -12.43
CA HIS B 228 26.01 23.68 -13.31
C HIS B 228 26.81 22.75 -14.23
N SER B 229 27.54 21.81 -13.62
CA SER B 229 28.34 20.85 -14.42
C SER B 229 27.36 20.64 -15.58
N LYS B 230 27.86 20.73 -16.81
CA LYS B 230 27.09 20.32 -18.01
C LYS B 230 27.10 18.79 -18.13
N GLY B 231 25.96 18.20 -18.51
CA GLY B 231 25.87 16.74 -18.69
C GLY B 231 26.58 15.99 -17.58
N HIS B 232 26.30 16.33 -16.33
CA HIS B 232 26.90 15.60 -15.19
C HIS B 232 25.80 14.61 -14.78
N GLN B 233 25.35 13.78 -15.72
CA GLN B 233 24.28 12.77 -15.45
C GLN B 233 23.69 13.49 -14.22
N LYS B 234 22.81 14.05 -13.92
CA LYS B 234 22.43 14.79 -12.68
C LYS B 234 22.61 13.74 -11.55
N ARG B 235 22.36 12.46 -11.85
CA ARG B 235 22.44 11.41 -10.80
C ARG B 235 23.70 10.58 -10.55
N LYS B 236 24.41 10.22 -11.61
CA LYS B 236 25.68 9.44 -11.46
C LYS B 236 25.44 8.33 -10.43
N ALA B 237 26.30 8.23 -9.43
CA ALA B 237 26.14 7.22 -8.36
C ALA B 237 25.53 7.89 -7.13
N LEU B 238 25.45 9.22 -7.15
CA LEU B 238 24.77 9.93 -6.05
C LEU B 238 23.32 9.58 -6.40
N LYS B 239 22.89 8.34 -6.20
CA LYS B 239 21.49 8.13 -6.54
C LYS B 239 21.52 7.24 -5.29
N THR B 240 22.38 6.22 -5.27
CA THR B 240 22.27 5.12 -4.31
C THR B 240 22.41 5.69 -2.91
N THR B 241 23.34 6.64 -2.71
CA THR B 241 23.49 7.28 -1.41
C THR B 241 22.31 8.16 -1.05
N VAL B 242 21.77 8.89 -2.02
CA VAL B 242 20.57 9.69 -1.77
C VAL B 242 19.40 8.80 -1.35
N ILE B 243 19.20 7.70 -2.07
CA ILE B 243 18.12 6.78 -1.74
C ILE B 243 18.33 6.17 -0.36
N LEU B 244 19.54 5.75 -0.04
CA LEU B 244 19.85 5.19 1.27
C LEU B 244 19.58 6.18 2.40
N ILE B 245 20.07 7.41 2.27
CA ILE B 245 19.89 8.40 3.34
C ILE B 245 18.43 8.82 3.46
N LEU B 246 17.75 9.02 2.33
CA LEU B 246 16.33 9.38 2.36
C LEU B 246 15.50 8.28 2.99
N ALA B 247 15.79 7.02 2.66
CA ALA B 247 15.05 5.91 3.25
C ALA B 247 15.32 5.78 4.74
N PHE B 248 16.58 5.97 5.16
CA PHE B 248 16.92 5.95 6.58
C PHE B 248 16.15 7.02 7.34
N PHE B 249 16.17 8.25 6.83
CA PHE B 249 15.50 9.33 7.55
C PHE B 249 13.99 9.22 7.46
N ALA B 250 13.47 8.64 6.39
CA ALA B 250 12.03 8.38 6.32
C ALA B 250 11.62 7.31 7.32
N CYS B 251 12.48 6.31 7.54
CA CYS B 251 12.23 5.33 8.58
C CYS B 251 12.23 5.96 9.96
N TRP B 252 13.16 6.87 10.20
CA TRP B 252 13.33 7.41 11.56
C TRP B 252 12.46 8.63 11.86
N LEU B 253 11.91 9.29 10.84
CA LEU B 253 11.20 10.55 11.09
C LEU B 253 9.95 10.42 11.94
N PRO B 254 9.03 9.45 11.72
CA PRO B 254 7.88 9.35 12.62
C PRO B 254 8.25 9.13 14.07
N TYR B 255 9.30 8.34 14.32
CA TYR B 255 9.79 8.15 15.69
C TYR B 255 10.29 9.45 16.28
N TYR B 256 10.98 10.25 15.48
CA TYR B 256 11.53 11.51 16.00
C TYR B 256 10.42 12.52 16.28
N ILE B 257 9.39 12.55 15.44
CA ILE B 257 8.24 13.38 15.73
C ILE B 257 7.57 12.93 17.03
N GLY B 258 7.40 11.62 17.19
CA GLY B 258 6.77 11.11 18.40
C GLY B 258 7.56 11.42 19.65
N ILE B 259 8.88 11.26 19.61
CA ILE B 259 9.67 11.50 20.81
C ILE B 259 9.90 12.99 21.07
N SER B 260 9.89 13.83 20.04
CA SER B 260 9.89 15.27 20.31
C SER B 260 8.58 15.71 20.97
N ILE B 261 7.46 15.15 20.51
CA ILE B 261 6.18 15.46 21.15
C ILE B 261 6.16 14.94 22.58
N ASP B 262 6.70 13.74 22.81
CA ASP B 262 6.78 13.21 24.17
C ASP B 262 7.71 14.05 25.05
N SER B 263 8.81 14.53 24.49
CA SER B 263 9.74 15.36 25.25
C SER B 263 9.10 16.67 25.67
N PHE B 264 8.36 17.30 24.77
CA PHE B 264 7.64 18.52 25.15
C PHE B 264 6.45 18.21 26.06
N ILE B 265 5.93 16.98 26.02
CA ILE B 265 4.92 16.57 26.99
C ILE B 265 5.52 16.51 28.38
N LEU B 266 6.71 15.92 28.51
CA LEU B 266 7.35 15.78 29.82
C LEU B 266 7.85 17.10 30.38
N LEU B 267 7.94 18.13 29.55
CA LEU B 267 8.28 19.47 30.01
C LEU B 267 7.05 20.25 30.48
N GLU B 268 5.89 19.58 30.57
CA GLU B 268 4.62 20.22 30.93
C GLU B 268 4.29 21.36 29.99
N ILE B 269 4.66 21.21 28.72
CA ILE B 269 4.26 22.16 27.68
C ILE B 269 3.04 21.68 26.93
N ILE B 270 3.04 20.41 26.50
CA ILE B 270 1.91 19.84 25.78
C ILE B 270 1.01 19.21 26.82
N LYS B 271 0.09 20.03 27.36
CA LYS B 271 -0.92 19.54 28.30
C LYS B 271 -2.23 19.33 27.55
N GLN B 272 -2.34 18.18 26.88
CA GLN B 272 -3.56 17.82 26.17
C GLN B 272 -4.18 16.56 26.74
N GLY B 273 -3.98 16.30 28.02
CA GLY B 273 -4.64 15.22 28.71
C GLY B 273 -3.68 14.10 29.05
N CYS B 274 -4.24 12.97 29.46
CA CYS B 274 -3.43 11.82 29.80
C CYS B 274 -3.62 10.65 28.84
N GLU B 275 -4.66 10.64 28.01
CA GLU B 275 -4.77 9.68 26.92
C GLU B 275 -3.88 10.05 25.74
N PHE B 276 -3.58 11.33 25.57
CA PHE B 276 -2.63 11.76 24.55
C PHE B 276 -1.23 11.23 24.82
N GLU B 277 -0.80 11.21 26.09
CA GLU B 277 0.50 10.64 26.41
C GLU B 277 0.57 9.17 26.08
N ASN B 278 -0.49 8.41 26.36
CA ASN B 278 -0.56 7.01 25.99
C ASN B 278 -0.55 6.81 24.48
N THR B 279 -1.28 7.66 23.74
CA THR B 279 -1.25 7.59 22.29
C THR B 279 0.14 7.87 21.76
N VAL B 280 0.83 8.85 22.35
CA VAL B 280 2.19 9.18 21.94
C VAL B 280 3.14 8.03 22.23
N HIS B 281 2.98 7.38 23.39
CA HIS B 281 3.85 6.26 23.73
C HIS B 281 3.62 5.07 22.79
N LYS B 282 2.37 4.80 22.45
CA LYS B 282 2.10 3.75 21.46
C LYS B 282 2.70 4.12 20.10
N TRP B 283 2.54 5.37 19.69
CA TRP B 283 3.16 5.83 18.46
C TRP B 283 4.66 5.61 18.50
N ILE B 284 5.29 5.90 19.64
CA ILE B 284 6.73 5.73 19.78
C ILE B 284 7.11 4.26 19.65
N SER B 285 6.34 3.37 20.27
CA SER B 285 6.67 1.95 20.22
C SER B 285 6.59 1.40 18.80
N ILE B 286 5.46 1.60 18.12
CA ILE B 286 5.34 1.09 16.75
C ILE B 286 6.31 1.79 15.80
N THR B 287 6.44 3.12 15.89
CA THR B 287 7.32 3.81 14.95
C THR B 287 8.79 3.58 15.24
N GLU B 288 9.14 3.16 16.47
CA GLU B 288 10.50 2.74 16.76
C GLU B 288 10.79 1.37 16.19
N ALA B 289 9.81 0.45 16.29
CA ALA B 289 9.99 -0.84 15.65
C ALA B 289 10.08 -0.70 14.13
N LEU B 290 9.24 0.17 13.56
CA LEU B 290 9.28 0.39 12.12
C LEU B 290 10.52 1.15 11.67
N ALA B 291 11.19 1.85 12.60
CA ALA B 291 12.42 2.54 12.27
C ALA B 291 13.62 1.61 12.21
N PHE B 292 13.47 0.36 12.66
CA PHE B 292 14.55 -0.61 12.59
C PHE B 292 14.70 -1.23 11.21
N PHE B 293 13.79 -0.94 10.28
CA PHE B 293 14.00 -1.29 8.88
C PHE B 293 15.19 -0.58 8.28
N HIS B 294 15.70 0.48 8.92
CA HIS B 294 16.94 1.10 8.46
C HIS B 294 18.10 0.13 8.54
N CYS B 295 18.05 -0.84 9.46
CA CYS B 295 19.08 -1.85 9.60
C CYS B 295 19.12 -2.79 8.44
N CYS B 296 18.07 -2.80 7.64
CA CYS B 296 18.11 -3.48 6.36
C CYS B 296 17.62 -2.50 5.30
N LEU B 297 18.51 -1.60 4.89
CA LEU B 297 18.32 -0.80 3.69
C LEU B 297 19.62 -0.82 2.92
N ASN B 298 20.73 -0.95 3.64
CA ASN B 298 22.03 -1.09 3.01
C ASN B 298 22.13 -2.39 2.21
N PRO B 299 21.73 -3.58 2.74
CA PRO B 299 21.74 -4.78 1.89
C PRO B 299 20.69 -4.78 0.80
N ILE B 300 19.50 -4.22 1.05
CA ILE B 300 18.45 -4.23 0.05
C ILE B 300 18.80 -3.31 -1.11
N LEU B 301 19.59 -2.26 -0.83
CA LEU B 301 20.14 -1.45 -1.91
C LEU B 301 21.36 -2.09 -2.56
N TYR B 302 21.98 -3.08 -1.93
CA TYR B 302 22.90 -3.97 -2.60
C TYR B 302 22.23 -5.10 -3.37
N ALA B 303 20.94 -5.35 -3.11
CA ALA B 303 20.18 -6.35 -3.85
C ALA B 303 19.41 -5.74 -5.02
N PHE B 304 19.44 -4.41 -5.14
CA PHE B 304 18.74 -3.70 -6.20
C PHE B 304 19.73 -2.89 -7.02
N LEU B 305 20.88 -2.58 -6.41
CA LEU B 305 21.92 -1.74 -6.99
C LEU B 305 21.35 -0.40 -7.43
N GLY B 306 20.45 0.17 -6.63
CA GLY B 306 19.82 1.42 -6.97
C GLY B 306 20.37 2.60 -6.18
N LYS C 25 -10.65 -24.18 37.08
CA LYS C 25 -9.58 -23.25 36.63
C LYS C 25 -10.09 -22.47 35.40
N GLU C 26 -9.74 -21.19 35.32
CA GLU C 26 -10.14 -20.37 34.14
C GLU C 26 -9.71 -21.14 32.89
N PRO C 27 -10.64 -21.50 31.98
CA PRO C 27 -10.31 -22.32 30.78
C PRO C 27 -9.93 -21.42 29.63
N CYS C 28 -9.94 -20.09 29.84
CA CYS C 28 -9.65 -19.10 28.77
C CYS C 28 -10.59 -19.08 27.57
N PHE C 29 -11.82 -18.70 27.76
CA PHE C 29 -12.78 -18.63 26.63
C PHE C 29 -12.48 -18.13 25.25
N ARG C 30 -12.66 -18.99 24.24
CA ARG C 30 -11.95 -18.94 22.94
C ARG C 30 -13.14 -18.30 22.22
N GLU C 31 -13.13 -16.97 22.11
CA GLU C 31 -14.20 -16.28 21.36
C GLU C 31 -14.29 -16.85 19.92
N GLU C 32 -15.43 -16.66 19.27
CA GLU C 32 -15.60 -17.15 17.87
C GLU C 32 -14.93 -16.16 16.91
N ASN C 33 -14.84 -16.51 15.62
CA ASN C 33 -14.12 -15.63 14.67
C ASN C 33 -14.76 -14.25 14.74
N ALA C 34 -14.02 -13.19 14.40
CA ALA C 34 -14.69 -11.89 14.37
C ALA C 34 -15.72 -11.97 13.28
N ASN C 35 -16.48 -10.92 13.09
CA ASN C 35 -17.55 -11.04 12.09
C ASN C 35 -16.93 -10.55 10.78
N PHE C 36 -15.80 -9.86 10.85
CA PHE C 36 -15.10 -9.45 9.61
C PHE C 36 -14.26 -10.60 9.13
N ASN C 37 -13.48 -11.28 9.97
CA ASN C 37 -12.77 -12.49 9.52
C ASN C 37 -13.53 -13.65 8.92
N LYS C 38 -14.80 -13.84 9.22
CA LYS C 38 -15.84 -14.51 8.43
C LYS C 38 -15.93 -13.29 7.56
N ILE C 39 -16.24 -13.32 6.27
CA ILE C 39 -16.18 -12.23 5.23
C ILE C 39 -14.83 -11.54 5.13
N PHE C 40 -13.77 -12.31 4.93
CA PHE C 40 -12.45 -11.71 4.73
C PHE C 40 -11.58 -12.86 4.59
N LEU C 41 -11.65 -13.76 5.54
CA LEU C 41 -10.91 -15.02 5.34
C LEU C 41 -11.58 -15.62 4.11
N PRO C 42 -12.89 -15.94 4.08
CA PRO C 42 -13.60 -16.41 2.86
C PRO C 42 -13.22 -15.63 1.59
N THR C 43 -12.97 -14.32 1.63
CA THR C 43 -12.53 -13.54 0.48
C THR C 43 -11.08 -13.84 0.13
N ILE C 44 -10.21 -13.91 1.14
CA ILE C 44 -8.81 -14.25 0.91
C ILE C 44 -8.70 -15.66 0.35
N TYR C 45 -9.44 -16.60 0.94
CA TYR C 45 -9.44 -17.98 0.46
C TYR C 45 -9.95 -18.08 -0.96
N SER C 46 -10.93 -17.26 -1.33
CA SER C 46 -11.48 -17.32 -2.68
C SER C 46 -10.52 -16.72 -3.69
N ILE C 47 -9.87 -15.60 -3.35
CA ILE C 47 -8.86 -15.03 -4.23
C ILE C 47 -7.73 -16.02 -4.45
N ILE C 48 -7.26 -16.63 -3.35
CA ILE C 48 -6.18 -17.60 -3.45
C ILE C 48 -6.64 -18.85 -4.17
N PHE C 49 -7.90 -19.26 -4.01
CA PHE C 49 -8.42 -20.41 -4.72
C PHE C 49 -8.44 -20.17 -6.23
N LEU C 50 -8.99 -19.04 -6.64
CA LEU C 50 -9.04 -18.72 -8.06
C LEU C 50 -7.65 -18.62 -8.66
N THR C 51 -6.76 -17.87 -7.99
CA THR C 51 -5.40 -17.69 -8.50
C THR C 51 -4.65 -19.01 -8.49
N GLY C 52 -4.84 -19.83 -7.46
CA GLY C 52 -4.14 -21.10 -7.38
C GLY C 52 -4.59 -22.08 -8.43
N ILE C 53 -5.92 -22.27 -8.58
CA ILE C 53 -6.41 -23.14 -9.64
C ILE C 53 -5.90 -22.67 -11.00
N VAL C 54 -6.10 -21.40 -11.33
CA VAL C 54 -5.73 -20.93 -12.67
C VAL C 54 -4.22 -21.06 -12.88
N GLY C 55 -3.42 -20.50 -11.98
CA GLY C 55 -1.99 -20.46 -12.19
C GLY C 55 -1.34 -21.83 -12.10
N ASN C 56 -1.67 -22.60 -11.05
CA ASN C 56 -1.05 -23.91 -10.89
C ASN C 56 -1.53 -24.90 -11.94
N GLY C 57 -2.79 -24.79 -12.38
CA GLY C 57 -3.23 -25.61 -13.49
C GLY C 57 -2.51 -25.26 -14.77
N LEU C 58 -2.26 -23.97 -15.00
CA LEU C 58 -1.49 -23.58 -16.18
C LEU C 58 -0.05 -24.04 -16.10
N VAL C 59 0.54 -24.03 -14.91
CA VAL C 59 1.92 -24.49 -14.76
C VAL C 59 2.01 -26.00 -14.97
N ILE C 60 1.07 -26.75 -14.39
CA ILE C 60 1.03 -28.19 -14.59
C ILE C 60 0.71 -28.53 -16.04
N LEU C 61 -0.07 -27.67 -16.73
CA LEU C 61 -0.37 -27.90 -18.13
C LEU C 61 0.85 -27.68 -19.00
N VAL C 62 1.55 -26.55 -18.81
CA VAL C 62 2.58 -26.14 -19.76
C VAL C 62 3.92 -26.78 -19.40
N MET C 63 4.44 -26.47 -18.22
CA MET C 63 5.70 -27.03 -17.73
C MET C 63 5.55 -28.45 -17.22
N GLY C 64 4.35 -29.00 -17.23
CA GLY C 64 4.10 -30.38 -16.86
C GLY C 64 3.69 -31.21 -18.05
N TYR C 65 2.36 -31.35 -18.24
CA TYR C 65 1.81 -32.20 -19.29
C TYR C 65 2.37 -31.88 -20.67
N GLN C 66 2.63 -30.61 -20.95
CA GLN C 66 3.18 -30.23 -22.25
C GLN C 66 4.71 -30.32 -22.30
N LYS C 67 5.35 -30.63 -21.17
CA LYS C 67 6.80 -30.85 -21.11
C LYS C 67 7.59 -29.65 -21.62
N LYS C 68 7.18 -28.45 -21.22
CA LYS C 68 7.91 -27.23 -21.53
C LYS C 68 8.88 -26.83 -20.42
N LEU C 69 9.16 -27.73 -19.49
CA LEU C 69 10.11 -27.48 -18.43
C LEU C 69 11.53 -27.72 -18.93
N ARG C 70 12.39 -26.72 -18.71
CA ARG C 70 13.68 -26.69 -19.40
C ARG C 70 14.83 -26.22 -18.52
N SER C 71 14.61 -26.07 -17.22
CA SER C 71 15.60 -25.37 -16.40
C SER C 71 16.07 -26.16 -15.20
N MET C 72 15.47 -27.33 -14.95
CA MET C 72 15.80 -28.25 -13.85
C MET C 72 15.38 -27.64 -12.51
N THR C 73 14.98 -26.37 -12.54
CA THR C 73 14.29 -25.74 -11.42
C THR C 73 12.78 -25.76 -11.66
N ASP C 74 12.39 -25.74 -12.94
CA ASP C 74 11.00 -25.89 -13.32
C ASP C 74 10.45 -27.25 -12.93
N LYS C 75 11.31 -28.26 -12.76
CA LYS C 75 10.84 -29.55 -12.24
C LYS C 75 10.35 -29.38 -10.81
N TYR C 76 11.17 -28.77 -9.96
CA TYR C 76 10.77 -28.52 -8.58
C TYR C 76 9.61 -27.55 -8.52
N ARG C 77 9.55 -26.58 -9.43
CA ARG C 77 8.43 -25.65 -9.43
C ARG C 77 7.17 -26.33 -9.96
N LEU C 78 7.32 -27.34 -10.81
CA LEU C 78 6.18 -28.19 -11.14
C LEU C 78 5.70 -28.97 -9.91
N HIS C 79 6.64 -29.43 -9.08
CA HIS C 79 6.25 -30.07 -7.82
C HIS C 79 5.52 -29.10 -6.90
N LEU C 80 6.00 -27.85 -6.81
CA LEU C 80 5.29 -26.82 -6.06
C LEU C 80 3.90 -26.61 -6.59
N SER C 81 3.75 -26.56 -7.91
CA SER C 81 2.43 -26.33 -8.48
C SER C 81 1.49 -27.50 -8.20
N VAL C 82 2.01 -28.73 -8.19
CA VAL C 82 1.18 -29.88 -7.83
C VAL C 82 0.70 -29.76 -6.39
N ALA C 83 1.63 -29.44 -5.46
CA ALA C 83 1.25 -29.30 -4.06
C ALA C 83 0.26 -28.16 -3.85
N ASP C 84 0.51 -27.02 -4.49
CA ASP C 84 -0.35 -25.86 -4.33
C ASP C 84 -1.72 -26.09 -4.96
N LEU C 85 -1.79 -26.81 -6.08
CA LEU C 85 -3.08 -27.17 -6.66
C LEU C 85 -3.86 -28.08 -5.74
N LEU C 86 -3.18 -29.07 -5.15
CA LEU C 86 -3.84 -29.94 -4.19
C LEU C 86 -4.40 -29.16 -3.01
N PHE C 87 -3.68 -28.16 -2.54
CA PHE C 87 -4.19 -27.37 -1.42
C PHE C 87 -5.35 -26.46 -1.82
N VAL C 88 -5.24 -25.77 -2.96
CA VAL C 88 -6.29 -24.84 -3.33
C VAL C 88 -7.54 -25.56 -3.79
N ILE C 89 -7.45 -26.86 -4.13
CA ILE C 89 -8.66 -27.64 -4.30
C ILE C 89 -9.47 -27.71 -3.01
N THR C 90 -8.81 -27.83 -1.86
CA THR C 90 -9.50 -27.91 -0.57
C THR C 90 -9.75 -26.55 0.05
N LEU C 91 -9.19 -25.49 -0.52
CA LEU C 91 -9.47 -24.13 -0.05
C LEU C 91 -10.95 -23.71 0.03
N PRO C 92 -11.84 -24.12 -0.90
CA PRO C 92 -13.26 -23.79 -0.71
C PRO C 92 -13.84 -24.31 0.58
N PHE C 93 -13.41 -25.49 1.04
CA PHE C 93 -13.78 -25.98 2.35
C PHE C 93 -13.29 -25.09 3.47
N TRP C 94 -12.10 -24.51 3.35
CA TRP C 94 -11.62 -23.49 4.26
C TRP C 94 -12.50 -22.26 4.28
N ALA C 95 -12.94 -21.77 3.12
CA ALA C 95 -13.86 -20.64 3.07
C ALA C 95 -15.19 -20.94 3.74
N VAL C 96 -15.77 -22.12 3.47
CA VAL C 96 -17.03 -22.49 4.08
C VAL C 96 -16.87 -22.63 5.59
N ASP C 97 -15.78 -23.26 6.05
CA ASP C 97 -15.53 -23.35 7.48
C ASP C 97 -15.23 -21.99 8.10
N ALA C 98 -14.84 -21.02 7.27
CA ALA C 98 -14.70 -19.66 7.76
C ALA C 98 -16.06 -19.01 7.99
N VAL C 99 -16.98 -19.16 7.03
CA VAL C 99 -18.31 -18.56 7.20
C VAL C 99 -19.15 -19.39 8.14
N ALA C 100 -19.49 -20.61 7.70
CA ALA C 100 -20.21 -21.57 8.51
C ALA C 100 -19.19 -22.44 9.23
N ASN C 101 -19.60 -23.58 9.76
CA ASN C 101 -18.61 -24.50 10.30
C ASN C 101 -18.67 -25.80 9.49
N TRP C 102 -17.94 -26.81 9.95
CA TRP C 102 -17.69 -28.00 9.14
C TRP C 102 -18.95 -28.84 9.04
N TYR C 103 -19.63 -28.76 7.91
CA TYR C 103 -20.77 -29.62 7.62
C TYR C 103 -20.40 -30.81 6.74
N PHE C 104 -19.11 -30.99 6.45
CA PHE C 104 -18.68 -31.99 5.48
C PHE C 104 -18.34 -33.34 6.08
N GLY C 105 -18.07 -33.41 7.37
CA GLY C 105 -17.91 -34.68 8.04
C GLY C 105 -16.47 -34.94 8.47
N ASN C 106 -16.33 -36.00 9.26
CA ASN C 106 -15.04 -36.35 9.87
C ASN C 106 -14.02 -36.77 8.83
N PHE C 107 -14.42 -37.60 7.87
CA PHE C 107 -13.49 -38.07 6.85
C PHE C 107 -12.97 -36.92 6.01
N LEU C 108 -13.85 -36.01 5.62
CA LEU C 108 -13.40 -34.92 4.75
C LEU C 108 -12.65 -33.86 5.53
N CYS C 109 -12.95 -33.70 6.83
CA CYS C 109 -12.09 -32.91 7.70
C CYS C 109 -10.67 -33.49 7.73
N LYS C 110 -10.58 -34.82 7.89
CA LYS C 110 -9.28 -35.47 7.88
C LYS C 110 -8.57 -35.28 6.55
N ALA C 111 -9.29 -35.40 5.44
CA ALA C 111 -8.68 -35.24 4.12
C ALA C 111 -8.18 -33.82 3.91
N VAL C 112 -8.97 -32.82 4.32
CA VAL C 112 -8.55 -31.43 4.15
C VAL C 112 -7.33 -31.14 5.01
N HIS C 113 -7.30 -31.63 6.25
CA HIS C 113 -6.13 -31.40 7.09
C HIS C 113 -4.90 -32.13 6.55
N VAL C 114 -5.08 -33.34 6.03
CA VAL C 114 -3.96 -34.09 5.47
C VAL C 114 -3.39 -33.36 4.26
N ILE C 115 -4.25 -32.84 3.39
CA ILE C 115 -3.78 -32.10 2.23
C ILE C 115 -3.11 -30.80 2.64
N TYR C 116 -3.62 -30.15 3.69
CA TYR C 116 -3.00 -28.94 4.20
C TYR C 116 -1.58 -29.23 4.71
N THR C 117 -1.41 -30.31 5.47
CA THR C 117 -0.08 -30.67 5.97
C THR C 117 0.86 -31.04 4.83
N VAL C 118 0.36 -31.80 3.86
CA VAL C 118 1.19 -32.20 2.72
C VAL C 118 1.67 -30.98 1.97
N ASN C 119 0.78 -30.01 1.72
CA ASN C 119 1.21 -28.75 1.12
C ASN C 119 2.24 -28.04 1.99
N LEU C 120 1.94 -27.92 3.29
CA LEU C 120 2.78 -27.21 4.24
C LEU C 120 4.22 -27.68 4.18
N TYR C 121 4.42 -28.99 4.23
CA TYR C 121 5.77 -29.51 4.32
C TYR C 121 6.40 -29.72 2.95
N SER C 122 5.63 -30.18 1.97
CA SER C 122 6.18 -30.42 0.64
C SER C 122 6.63 -29.13 -0.01
N SER C 123 5.88 -28.03 0.14
CA SER C 123 6.29 -26.79 -0.51
C SER C 123 7.60 -26.27 0.03
N VAL C 124 7.78 -26.29 1.35
CA VAL C 124 9.02 -25.78 1.92
C VAL C 124 10.18 -26.74 1.66
N LEU C 125 9.91 -28.06 1.62
CA LEU C 125 11.00 -28.98 1.27
C LEU C 125 11.37 -28.87 -0.20
N ILE C 126 10.42 -28.54 -1.06
CA ILE C 126 10.74 -28.31 -2.47
C ILE C 126 11.56 -27.04 -2.63
N LEU C 127 11.25 -26.01 -1.85
CA LEU C 127 12.09 -24.81 -1.88
C LEU C 127 13.50 -25.10 -1.37
N ALA C 128 13.61 -25.94 -0.33
CA ALA C 128 14.93 -26.37 0.12
C ALA C 128 15.67 -27.14 -0.98
N PHE C 129 14.94 -27.98 -1.72
CA PHE C 129 15.55 -28.69 -2.84
C PHE C 129 15.95 -27.74 -3.97
N ILE C 130 15.17 -26.68 -4.20
CA ILE C 130 15.55 -25.66 -5.18
C ILE C 130 16.85 -24.98 -4.77
N SER C 131 16.95 -24.63 -3.49
CA SER C 131 18.18 -24.01 -2.99
C SER C 131 19.37 -24.94 -3.11
N LEU C 132 19.17 -26.22 -2.78
CA LEU C 132 20.23 -27.20 -2.92
C LEU C 132 20.61 -27.43 -4.38
N ASP C 133 19.63 -27.39 -5.28
CA ASP C 133 19.91 -27.51 -6.71
C ASP C 133 20.72 -26.34 -7.22
N ARG C 134 20.38 -25.12 -6.79
CA ARG C 134 21.18 -23.96 -7.18
C ARG C 134 22.58 -24.04 -6.57
N TYR C 135 22.69 -24.55 -5.36
CA TYR C 135 23.99 -24.75 -4.73
C TYR C 135 24.85 -25.72 -5.54
N LEU C 136 24.25 -26.83 -5.97
CA LEU C 136 24.99 -27.78 -6.79
C LEU C 136 25.30 -27.22 -8.17
N ALA C 137 24.41 -26.39 -8.71
CA ALA C 137 24.60 -25.85 -10.06
C ALA C 137 25.64 -24.76 -10.09
N ILE C 138 25.84 -24.05 -8.98
CA ILE C 138 26.75 -22.91 -8.93
C ILE C 138 28.06 -23.29 -8.24
N VAL C 139 27.99 -23.79 -7.01
CA VAL C 139 29.20 -24.12 -6.27
C VAL C 139 29.90 -25.31 -6.91
N HIS C 140 29.17 -26.38 -7.16
CA HIS C 140 29.69 -27.55 -7.88
C HIS C 140 29.33 -27.50 -9.35
N ALA C 141 29.72 -26.43 -10.04
CA ALA C 141 29.21 -26.15 -11.38
C ALA C 141 29.63 -27.22 -12.38
N THR C 142 30.84 -27.76 -12.23
CA THR C 142 31.34 -28.74 -13.19
C THR C 142 30.83 -30.15 -12.86
N ASN C 143 31.05 -30.60 -11.62
CA ASN C 143 30.79 -31.99 -11.28
C ASN C 143 29.30 -32.30 -11.18
N SER C 144 28.51 -31.38 -10.63
CA SER C 144 27.11 -31.66 -10.27
C SER C 144 26.20 -31.32 -11.44
N GLN C 145 26.05 -32.28 -12.35
CA GLN C 145 24.98 -32.26 -13.33
C GLN C 145 24.20 -33.56 -13.23
N ARG C 146 24.92 -34.65 -12.95
CA ARG C 146 24.33 -35.95 -12.67
C ARG C 146 23.80 -36.02 -11.24
N PRO C 147 24.51 -35.51 -10.21
CA PRO C 147 23.88 -35.38 -8.89
C PRO C 147 22.66 -34.49 -8.88
N ARG C 148 22.65 -33.41 -9.69
CA ARG C 148 21.48 -32.57 -9.83
C ARG C 148 20.29 -33.28 -10.44
N LYS C 149 20.52 -34.04 -11.53
CA LYS C 149 19.47 -34.85 -12.13
C LYS C 149 18.94 -35.93 -11.20
N LEU C 150 19.82 -36.63 -10.49
CA LEU C 150 19.37 -37.60 -9.49
C LEU C 150 18.56 -36.93 -8.40
N LEU C 151 19.02 -35.76 -7.92
CA LEU C 151 18.30 -35.04 -6.88
C LEU C 151 16.91 -34.62 -7.34
N ALA C 152 16.79 -34.16 -8.59
CA ALA C 152 15.52 -33.68 -9.10
C ALA C 152 14.60 -34.78 -9.62
N GLU C 153 15.10 -35.99 -9.84
CA GLU C 153 14.27 -37.05 -10.39
C GLU C 153 13.96 -38.18 -9.42
N LYS C 154 14.89 -38.59 -8.58
CA LYS C 154 14.65 -39.69 -7.66
C LYS C 154 14.68 -39.27 -6.21
N VAL C 155 15.66 -38.46 -5.80
CA VAL C 155 15.78 -38.05 -4.42
C VAL C 155 14.67 -37.08 -4.03
N VAL C 156 14.10 -36.34 -5.00
CA VAL C 156 13.10 -35.32 -4.66
C VAL C 156 11.86 -35.96 -4.05
N TYR C 157 11.45 -37.12 -4.56
CA TYR C 157 10.26 -37.77 -4.01
C TYR C 157 10.48 -38.21 -2.57
N VAL C 158 11.56 -38.95 -2.31
CA VAL C 158 11.82 -39.46 -0.97
C VAL C 158 12.28 -38.37 0.00
N GLY C 159 12.63 -37.19 -0.50
CA GLY C 159 13.04 -36.12 0.39
C GLY C 159 12.02 -35.02 0.56
N VAL C 160 10.96 -35.05 -0.25
CA VAL C 160 9.92 -34.04 -0.14
C VAL C 160 8.58 -34.71 0.19
N TRP C 161 8.12 -35.59 -0.69
CA TRP C 161 6.76 -36.10 -0.58
C TRP C 161 6.64 -37.15 0.51
N ILE C 162 7.64 -38.02 0.66
CA ILE C 162 7.62 -38.99 1.75
C ILE C 162 7.70 -38.32 3.12
N PRO C 163 8.60 -37.35 3.37
CA PRO C 163 8.49 -36.60 4.64
C PRO C 163 7.18 -35.87 4.80
N ALA C 164 6.63 -35.31 3.72
CA ALA C 164 5.36 -34.60 3.82
C ALA C 164 4.20 -35.55 4.07
N LEU C 165 4.28 -36.78 3.54
CA LEU C 165 3.25 -37.78 3.75
C LEU C 165 3.44 -38.58 5.04
N LEU C 166 4.59 -38.42 5.71
CA LEU C 166 4.79 -39.03 7.01
C LEU C 166 4.50 -38.08 8.16
N LEU C 167 4.58 -36.77 7.91
CA LEU C 167 4.20 -35.79 8.91
C LEU C 167 2.70 -35.56 8.95
N THR C 168 1.94 -36.18 8.05
CA THR C 168 0.50 -36.08 8.03
C THR C 168 -0.18 -37.23 8.79
N ILE C 169 0.61 -38.12 9.39
CA ILE C 169 0.03 -39.14 10.28
C ILE C 169 -0.72 -38.52 11.45
N PRO C 170 -0.23 -37.49 12.14
CA PRO C 170 -1.04 -36.87 13.19
C PRO C 170 -2.35 -36.28 12.69
N ASP C 171 -2.47 -35.95 11.41
CA ASP C 171 -3.78 -35.58 10.88
C ASP C 171 -4.68 -36.78 10.68
N PHE C 172 -4.13 -37.93 10.29
CA PHE C 172 -4.93 -39.13 10.20
C PHE C 172 -5.38 -39.60 11.58
N ILE C 173 -4.64 -39.23 12.62
CA ILE C 173 -4.97 -39.65 13.97
C ILE C 173 -5.90 -38.65 14.67
N PHE C 174 -5.53 -37.38 14.67
CA PHE C 174 -6.22 -36.38 15.53
C PHE C 174 -7.18 -35.44 14.85
N ALA C 175 -7.08 -35.19 13.56
CA ALA C 175 -7.99 -34.19 12.98
C ALA C 175 -9.37 -34.78 12.99
N ASN C 176 -10.31 -34.13 13.66
CA ASN C 176 -11.67 -34.71 13.80
C ASN C 176 -12.65 -33.55 13.82
N VAL C 177 -13.92 -33.78 13.53
CA VAL C 177 -14.95 -32.72 13.67
C VAL C 177 -15.57 -32.88 15.06
N SER C 178 -15.49 -31.84 15.89
CA SER C 178 -16.08 -31.89 17.23
C SER C 178 -17.41 -31.16 17.19
N GLU C 179 -18.49 -31.83 17.58
CA GLU C 179 -19.78 -31.10 17.65
C GLU C 179 -19.88 -30.38 18.99
N ALA C 180 -19.06 -29.34 19.21
CA ALA C 180 -19.22 -28.54 20.44
C ALA C 180 -20.31 -27.51 20.14
N ASP C 181 -21.31 -27.35 21.02
CA ASP C 181 -22.47 -26.46 20.76
C ASP C 181 -22.98 -26.71 19.34
N ASP C 182 -23.30 -25.65 18.59
CA ASP C 182 -23.75 -25.81 17.18
C ASP C 182 -22.53 -25.65 16.27
N ARG C 183 -21.36 -25.42 16.85
CA ARG C 183 -20.13 -25.22 16.06
C ARG C 183 -19.45 -26.55 15.78
N TYR C 184 -19.67 -27.14 14.61
CA TYR C 184 -18.89 -28.35 14.26
C TYR C 184 -17.48 -27.87 13.91
N ILE C 185 -16.56 -27.88 14.87
CA ILE C 185 -15.18 -27.37 14.64
C ILE C 185 -14.33 -28.49 14.03
N CYS C 186 -13.64 -28.21 12.94
CA CYS C 186 -12.77 -29.17 12.24
C CYS C 186 -11.34 -28.73 12.49
N ASP C 187 -10.67 -29.42 13.42
CA ASP C 187 -9.31 -29.06 13.82
C ASP C 187 -8.66 -30.30 14.41
N ARG C 188 -7.34 -30.23 14.54
CA ARG C 188 -6.58 -31.32 15.13
C ARG C 188 -6.81 -31.33 16.64
N PHE C 189 -7.55 -32.31 17.13
CA PHE C 189 -7.96 -32.37 18.53
C PHE C 189 -7.03 -33.32 19.27
N TYR C 190 -6.19 -32.77 20.13
CA TYR C 190 -5.19 -33.53 20.84
C TYR C 190 -5.68 -33.91 22.23
N PRO C 191 -5.10 -34.94 22.85
CA PRO C 191 -5.44 -35.26 24.25
C PRO C 191 -5.11 -34.12 25.20
N ASN C 192 -3.86 -33.68 25.21
CA ASN C 192 -3.42 -32.62 26.10
C ASN C 192 -3.16 -31.35 25.29
N ASP C 193 -2.74 -30.28 25.96
CA ASP C 193 -2.18 -29.12 25.28
C ASP C 193 -0.69 -29.26 25.02
N LEU C 194 0.01 -30.12 25.76
CA LEU C 194 1.41 -30.41 25.45
C LEU C 194 1.57 -31.05 24.08
N TRP C 195 0.60 -31.85 23.64
CA TRP C 195 0.60 -32.35 22.28
C TRP C 195 0.48 -31.21 21.27
N VAL C 196 -0.37 -30.23 21.56
CA VAL C 196 -0.47 -29.05 20.70
C VAL C 196 0.86 -28.33 20.63
N VAL C 197 1.53 -28.18 21.78
CA VAL C 197 2.82 -27.49 21.81
C VAL C 197 3.87 -28.25 21.01
N VAL C 198 3.95 -29.57 21.19
CA VAL C 198 5.01 -30.31 20.51
C VAL C 198 4.74 -30.38 19.01
N PHE C 199 3.48 -30.47 18.59
CA PHE C 199 3.17 -30.51 17.16
C PHE C 199 3.10 -29.13 16.53
N GLN C 200 3.17 -28.06 17.34
CA GLN C 200 3.44 -26.74 16.81
C GLN C 200 4.93 -26.44 16.73
N PHE C 201 5.71 -26.91 17.71
CA PHE C 201 7.16 -26.81 17.63
C PHE C 201 7.76 -27.63 16.52
N GLN C 202 7.26 -28.84 16.26
CA GLN C 202 7.74 -29.57 15.10
C GLN C 202 7.30 -28.91 13.79
N HIS C 203 6.13 -28.27 13.78
CA HIS C 203 5.74 -27.46 12.62
C HIS C 203 6.72 -26.32 12.40
N ILE C 204 7.04 -25.56 13.46
CA ILE C 204 7.99 -24.46 13.33
C ILE C 204 9.33 -24.98 12.85
N MET C 205 9.83 -26.06 13.44
CA MET C 205 11.10 -26.66 13.02
C MET C 205 11.08 -27.04 11.55
N VAL C 206 10.26 -28.01 11.18
CA VAL C 206 10.31 -28.62 9.85
C VAL C 206 9.77 -27.67 8.78
N GLY C 207 9.13 -26.58 9.18
CA GLY C 207 8.59 -25.67 8.19
C GLY C 207 9.31 -24.35 8.06
N LEU C 208 10.08 -23.95 9.07
CA LEU C 208 10.79 -22.68 9.02
C LEU C 208 12.26 -22.81 9.34
N ILE C 209 12.63 -23.63 10.33
CA ILE C 209 13.98 -23.58 10.86
C ILE C 209 14.91 -24.47 10.05
N LEU C 210 14.65 -25.77 10.04
CA LEU C 210 15.54 -26.68 9.30
C LEU C 210 15.55 -26.41 7.81
N PRO C 211 14.41 -26.33 7.09
CA PRO C 211 14.50 -25.89 5.70
C PRO C 211 15.01 -24.48 5.55
N GLY C 212 14.70 -23.59 6.48
CA GLY C 212 15.23 -22.25 6.41
C GLY C 212 16.73 -22.19 6.61
N ILE C 213 17.25 -22.99 7.55
CA ILE C 213 18.69 -23.05 7.74
C ILE C 213 19.37 -23.63 6.50
N VAL C 214 18.78 -24.68 5.91
CA VAL C 214 19.34 -25.26 4.70
C VAL C 214 19.36 -24.25 3.56
N ILE C 215 18.26 -23.52 3.38
CA ILE C 215 18.17 -22.54 2.30
C ILE C 215 19.15 -21.39 2.55
N LEU C 216 19.25 -20.92 3.79
CA LEU C 216 20.16 -19.83 4.09
C LEU C 216 21.61 -20.25 3.88
N SER C 217 21.97 -21.46 4.30
CA SER C 217 23.33 -21.95 4.08
C SER C 217 23.64 -22.07 2.60
N CYS C 218 22.70 -22.64 1.83
CA CYS C 218 22.91 -22.81 0.39
C CYS C 218 23.07 -21.48 -0.30
N TYR C 219 22.24 -20.50 0.03
CA TYR C 219 22.32 -19.21 -0.64
C TYR C 219 23.49 -18.37 -0.15
N CYS C 220 23.90 -18.51 1.11
CA CYS C 220 25.10 -17.84 1.58
C CYS C 220 26.34 -18.37 0.87
N ILE C 221 26.44 -19.70 0.71
CA ILE C 221 27.57 -20.26 -0.02
C ILE C 221 27.49 -19.88 -1.50
N ILE C 222 26.28 -19.81 -2.05
CA ILE C 222 26.12 -19.36 -3.44
C ILE C 222 26.64 -17.94 -3.61
N ILE C 223 26.25 -17.02 -2.72
CA ILE C 223 26.72 -15.65 -2.79
C ILE C 223 28.22 -15.58 -2.60
N SER C 224 28.79 -16.36 -1.71
CA SER C 224 30.25 -16.34 -1.44
C SER C 224 31.04 -16.92 -2.61
N LYS C 225 30.37 -17.48 -3.61
CA LYS C 225 31.05 -18.14 -4.74
C LYS C 225 30.48 -17.52 -5.99
N LEU C 226 29.67 -16.50 -5.85
CA LEU C 226 29.22 -15.74 -7.03
C LEU C 226 30.02 -14.45 -6.87
N SER C 227 29.91 -13.84 -5.69
CA SER C 227 30.65 -12.59 -5.37
C SER C 227 32.17 -12.74 -5.30
N HIS C 228 32.70 -13.96 -5.36
CA HIS C 228 34.16 -14.21 -5.48
C HIS C 228 34.57 -14.46 -6.92
N SER C 229 33.74 -13.99 -7.84
CA SER C 229 33.98 -14.15 -9.30
C SER C 229 33.20 -13.03 -9.98
N LYS C 230 33.25 -12.94 -11.31
CA LYS C 230 32.47 -11.92 -12.05
C LYS C 230 31.08 -12.49 -12.29
N GLY C 231 30.54 -13.25 -11.33
CA GLY C 231 29.24 -13.93 -11.54
C GLY C 231 28.23 -12.83 -11.88
N HIS C 232 27.77 -12.81 -13.13
CA HIS C 232 26.73 -11.84 -13.54
C HIS C 232 25.79 -12.63 -14.43
N GLN C 233 26.33 -13.64 -15.12
CA GLN C 233 25.49 -14.40 -16.08
C GLN C 233 24.53 -15.31 -15.32
N LYS C 234 24.96 -15.84 -14.16
CA LYS C 234 24.13 -16.80 -13.39
C LYS C 234 23.62 -16.11 -12.11
N ARG C 235 23.68 -14.78 -12.04
CA ARG C 235 23.13 -14.02 -10.88
C ARG C 235 21.70 -13.57 -11.24
N LYS C 236 21.22 -13.99 -12.42
CA LYS C 236 19.79 -14.28 -12.70
C LYS C 236 19.62 -15.79 -12.70
N ALA C 237 18.43 -16.32 -13.05
CA ALA C 237 18.15 -17.77 -12.91
C ALA C 237 18.11 -17.89 -11.40
N LEU C 238 19.22 -17.52 -10.77
CA LEU C 238 19.19 -17.37 -9.32
C LEU C 238 18.22 -16.36 -8.76
N LYS C 239 17.96 -15.27 -9.48
CA LYS C 239 17.05 -14.23 -8.99
C LYS C 239 15.63 -14.73 -8.83
N THR C 240 15.14 -15.53 -9.78
CA THR C 240 13.78 -16.06 -9.69
C THR C 240 13.59 -16.96 -8.47
N THR C 241 14.52 -17.86 -8.19
CA THR C 241 14.42 -18.73 -7.02
C THR C 241 14.57 -17.95 -5.73
N VAL C 242 15.44 -16.94 -5.70
CA VAL C 242 15.58 -16.10 -4.53
C VAL C 242 14.27 -15.37 -4.24
N ILE C 243 13.66 -14.81 -5.28
CA ILE C 243 12.38 -14.12 -5.11
C ILE C 243 11.30 -15.09 -4.64
N LEU C 244 11.27 -16.30 -5.22
CA LEU C 244 10.28 -17.29 -4.84
C LEU C 244 10.40 -17.67 -3.37
N ILE C 245 11.62 -17.99 -2.93
CA ILE C 245 11.83 -18.42 -1.56
C ILE C 245 11.60 -17.28 -0.58
N LEU C 246 12.06 -16.07 -0.93
CA LEU C 246 11.85 -14.93 -0.05
C LEU C 246 10.37 -14.59 0.08
N ALA C 247 9.62 -14.66 -1.02
CA ALA C 247 8.19 -14.38 -0.96
C ALA C 247 7.46 -15.45 -0.16
N PHE C 248 7.85 -16.72 -0.31
CA PHE C 248 7.26 -17.78 0.49
C PHE C 248 7.48 -17.55 1.97
N PHE C 249 8.72 -17.29 2.38
CA PHE C 249 9.00 -17.13 3.79
C PHE C 249 8.47 -15.81 4.34
N ALA C 250 8.34 -14.79 3.49
CA ALA C 250 7.69 -13.56 3.91
C ALA C 250 6.20 -13.78 4.14
N CYS C 251 5.57 -14.61 3.30
CA CYS C 251 4.17 -14.96 3.52
C CYS C 251 4.00 -15.73 4.82
N TRP C 252 4.89 -16.68 5.08
CA TRP C 252 4.73 -17.58 6.22
C TRP C 252 5.29 -17.06 7.54
N LEU C 253 6.10 -15.99 7.52
CA LEU C 253 6.72 -15.52 8.75
C LEU C 253 5.75 -14.98 9.78
N PRO C 254 4.75 -14.13 9.46
CA PRO C 254 3.81 -13.71 10.51
C PRO C 254 3.05 -14.86 11.13
N TYR C 255 2.68 -15.86 10.35
CA TYR C 255 2.01 -17.03 10.90
C TYR C 255 2.91 -17.78 11.87
N TYR C 256 4.19 -17.92 11.51
CA TYR C 256 5.09 -18.66 12.38
C TYR C 256 5.38 -17.90 13.66
N ILE C 257 5.46 -16.58 13.59
CA ILE C 257 5.57 -15.77 14.81
C ILE C 257 4.35 -15.98 15.68
N GLY C 258 3.16 -15.91 15.07
CA GLY C 258 1.94 -16.09 15.83
C GLY C 258 1.84 -17.45 16.50
N ILE C 259 2.19 -18.52 15.78
CA ILE C 259 2.05 -19.85 16.36
C ILE C 259 3.17 -20.16 17.34
N SER C 260 4.36 -19.57 17.17
CA SER C 260 5.38 -19.72 18.19
C SER C 260 4.97 -19.03 19.49
N ILE C 261 4.40 -17.82 19.38
CA ILE C 261 3.94 -17.12 20.57
C ILE C 261 2.78 -17.86 21.21
N ASP C 262 1.90 -18.45 20.38
CA ASP C 262 0.81 -19.26 20.93
C ASP C 262 1.32 -20.52 21.60
N SER C 263 2.37 -21.13 21.05
CA SER C 263 2.96 -22.31 21.68
C SER C 263 3.57 -21.97 23.03
N PHE C 264 4.18 -20.79 23.14
CA PHE C 264 4.73 -20.38 24.42
C PHE C 264 3.63 -19.97 25.40
N ILE C 265 2.49 -19.48 24.90
CA ILE C 265 1.34 -19.27 25.77
C ILE C 265 0.83 -20.60 26.31
N LEU C 266 0.70 -21.60 25.43
CA LEU C 266 0.20 -22.90 25.85
C LEU C 266 1.15 -23.63 26.78
N LEU C 267 2.43 -23.25 26.79
CA LEU C 267 3.38 -23.73 27.79
C LEU C 267 3.30 -22.95 29.09
N GLU C 268 2.40 -21.97 29.17
CA GLU C 268 2.28 -21.08 30.33
C GLU C 268 3.58 -20.33 30.61
N ILE C 269 4.33 -20.03 29.55
CA ILE C 269 5.59 -19.28 29.68
C ILE C 269 5.36 -17.79 29.51
N ILE C 270 4.53 -17.49 28.53
CA ILE C 270 4.16 -16.08 28.24
C ILE C 270 3.05 -15.74 29.23
N LYS C 271 2.08 -16.59 29.43
CA LYS C 271 1.10 -16.27 30.51
C LYS C 271 0.71 -14.79 30.69
N GLN C 272 0.45 -14.07 29.62
CA GLN C 272 -0.07 -12.70 29.72
C GLN C 272 -1.49 -12.25 30.01
N GLY C 273 -2.44 -12.65 29.18
CA GLY C 273 -3.80 -12.13 29.39
C GLY C 273 -4.60 -13.29 28.85
N CYS C 274 -5.89 -13.08 28.63
CA CYS C 274 -6.76 -14.10 28.02
C CYS C 274 -7.19 -13.41 26.74
N GLU C 275 -7.13 -12.08 26.75
CA GLU C 275 -7.29 -11.31 25.51
C GLU C 275 -6.10 -11.33 24.56
N PHE C 276 -5.05 -12.07 24.84
CA PHE C 276 -3.75 -12.02 24.12
C PHE C 276 -3.57 -13.35 23.52
N GLU C 277 -4.50 -14.22 23.83
CA GLU C 277 -4.53 -15.60 23.37
C GLU C 277 -5.83 -15.63 22.59
N ASN C 278 -6.31 -14.47 22.21
CA ASN C 278 -7.52 -14.35 21.35
C ASN C 278 -7.09 -13.24 20.42
N THR C 279 -5.96 -12.60 20.70
CA THR C 279 -5.38 -11.62 19.80
C THR C 279 -4.36 -12.39 19.05
N VAL C 280 -3.80 -13.42 19.69
CA VAL C 280 -2.74 -14.25 19.08
C VAL C 280 -3.42 -15.37 18.32
N HIS C 281 -4.73 -15.37 18.15
CA HIS C 281 -5.47 -16.47 17.51
C HIS C 281 -6.24 -15.87 16.37
N LYS C 282 -6.61 -14.62 16.49
CA LYS C 282 -7.28 -13.88 15.42
C LYS C 282 -6.16 -13.40 14.54
N TRP C 283 -4.93 -13.47 14.99
CA TRP C 283 -3.71 -13.13 14.23
C TRP C 283 -3.35 -14.37 13.50
N ILE C 284 -3.34 -15.48 14.22
CA ILE C 284 -3.01 -16.72 13.54
C ILE C 284 -3.98 -16.99 12.40
N SER C 285 -5.27 -16.75 12.61
CA SER C 285 -6.25 -16.95 11.55
C SER C 285 -5.98 -16.03 10.37
N ILE C 286 -5.80 -14.74 10.63
CA ILE C 286 -5.60 -13.77 9.55
C ILE C 286 -4.31 -14.07 8.80
N THR C 287 -3.22 -14.34 9.53
CA THR C 287 -1.93 -14.55 8.92
C THR C 287 -1.80 -15.92 8.26
N GLU C 288 -2.61 -16.90 8.67
CA GLU C 288 -2.66 -18.18 7.98
C GLU C 288 -3.44 -18.05 6.69
N ALA C 289 -4.51 -17.26 6.69
CA ALA C 289 -5.19 -16.96 5.44
C ALA C 289 -4.26 -16.20 4.49
N LEU C 290 -3.52 -15.23 5.01
CA LEU C 290 -2.61 -14.44 4.18
C LEU C 290 -1.34 -15.19 3.81
N ALA C 291 -1.01 -16.28 4.51
CA ALA C 291 0.13 -17.09 4.14
C ALA C 291 -0.18 -18.06 3.01
N PHE C 292 -1.46 -18.28 2.70
CA PHE C 292 -1.83 -19.18 1.62
C PHE C 292 -1.55 -18.58 0.24
N PHE C 293 -1.17 -17.31 0.17
CA PHE C 293 -0.73 -16.72 -1.09
C PHE C 293 0.55 -17.34 -1.62
N HIS C 294 1.24 -18.15 -0.82
CA HIS C 294 2.40 -18.88 -1.33
C HIS C 294 1.99 -19.84 -2.44
N CYS C 295 0.75 -20.31 -2.43
CA CYS C 295 0.23 -21.14 -3.51
C CYS C 295 0.03 -20.35 -4.80
N CYS C 296 0.11 -19.02 -4.74
CA CYS C 296 -0.11 -18.19 -5.91
C CYS C 296 1.16 -17.54 -6.45
N LEU C 297 2.22 -17.43 -5.65
CA LEU C 297 3.41 -16.73 -6.08
C LEU C 297 4.37 -17.61 -6.89
N ASN C 298 4.09 -18.90 -7.02
CA ASN C 298 4.87 -19.72 -7.94
C ASN C 298 4.40 -19.53 -9.38
N PRO C 299 3.08 -19.47 -9.67
CA PRO C 299 2.68 -19.11 -11.04
C PRO C 299 2.86 -17.64 -11.37
N ILE C 300 2.82 -16.75 -10.38
CA ILE C 300 2.95 -15.32 -10.63
C ILE C 300 4.33 -14.96 -11.16
N LEU C 301 5.37 -15.62 -10.66
CA LEU C 301 6.73 -15.42 -11.16
C LEU C 301 6.92 -15.87 -12.59
N TYR C 302 6.05 -16.75 -13.09
CA TYR C 302 5.95 -17.08 -14.51
C TYR C 302 5.24 -16.01 -15.33
N ALA C 303 4.49 -15.12 -14.70
CA ALA C 303 4.01 -13.93 -15.39
C ALA C 303 5.05 -12.83 -15.38
N PHE C 304 5.78 -12.69 -14.28
CA PHE C 304 6.90 -11.76 -14.18
C PHE C 304 8.22 -12.53 -14.26
N LEU C 305 8.49 -13.07 -15.45
CA LEU C 305 9.67 -13.90 -15.67
C LEU C 305 10.97 -13.16 -15.39
N LYS D 25 -35.91 -16.79 15.04
CA LYS D 25 -36.56 -15.82 14.11
C LYS D 25 -36.32 -14.40 14.64
N GLU D 26 -35.58 -13.58 13.88
CA GLU D 26 -35.26 -12.20 14.33
C GLU D 26 -34.98 -11.31 13.12
N PRO D 27 -36.00 -10.77 12.42
CA PRO D 27 -35.76 -9.80 11.31
C PRO D 27 -34.81 -8.73 11.84
N CYS D 28 -33.62 -8.63 11.26
CA CYS D 28 -32.59 -7.68 11.77
C CYS D 28 -32.83 -6.26 11.26
N PHE D 29 -32.06 -5.30 11.79
CA PHE D 29 -32.18 -3.89 11.35
C PHE D 29 -30.90 -3.50 10.63
N ARG D 30 -31.02 -3.08 9.37
CA ARG D 30 -29.82 -2.63 8.62
C ARG D 30 -29.44 -1.40 9.45
N GLU D 31 -28.24 -1.41 10.05
CA GLU D 31 -27.77 -0.23 10.82
C GLU D 31 -27.39 0.74 9.70
N GLU D 32 -27.71 2.04 9.87
CA GLU D 32 -27.45 3.03 8.80
C GLU D 32 -25.95 3.08 8.48
N ASN D 33 -25.61 3.37 7.22
CA ASN D 33 -24.18 3.36 6.80
C ASN D 33 -23.22 4.17 7.68
N ALA D 34 -22.21 3.51 8.24
CA ALA D 34 -21.29 4.21 9.15
C ALA D 34 -21.06 5.62 8.61
N ASN D 35 -21.12 6.61 9.50
CA ASN D 35 -20.85 8.01 9.09
C ASN D 35 -19.61 8.03 8.18
N PHE D 36 -18.59 7.24 8.49
CA PHE D 36 -17.39 7.17 7.62
C PHE D 36 -17.82 6.87 6.20
N ASN D 37 -18.52 5.76 6.01
CA ASN D 37 -18.90 5.38 4.63
C ASN D 37 -19.58 6.57 3.96
N LYS D 38 -20.40 7.32 4.69
CA LYS D 38 -21.16 8.43 4.09
C LYS D 38 -20.22 9.53 3.58
N ILE D 39 -18.92 9.43 3.86
CA ILE D 39 -17.98 10.42 3.27
C ILE D 39 -16.98 9.64 2.40
N PHE D 40 -16.72 8.38 2.76
CA PHE D 40 -15.81 7.54 1.93
C PHE D 40 -16.49 7.26 0.61
N LEU D 41 -17.70 6.73 0.66
CA LEU D 41 -18.36 6.35 -0.60
C LEU D 41 -18.50 7.52 -1.55
N PRO D 42 -18.92 8.72 -1.14
CA PRO D 42 -18.87 9.86 -2.07
C PRO D 42 -17.49 10.18 -2.58
N THR D 43 -16.45 10.02 -1.76
CA THR D 43 -15.09 10.28 -2.21
C THR D 43 -14.67 9.29 -3.29
N ILE D 44 -14.94 8.00 -3.05
CA ILE D 44 -14.63 6.97 -4.04
C ILE D 44 -15.45 7.20 -5.31
N TYR D 45 -16.73 7.51 -5.15
CA TYR D 45 -17.60 7.74 -6.29
C TYR D 45 -17.15 8.95 -7.10
N SER D 46 -16.64 9.99 -6.42
CA SER D 46 -16.18 11.18 -7.12
C SER D 46 -14.84 10.95 -7.82
N ILE D 47 -13.94 10.18 -7.19
CA ILE D 47 -12.69 9.82 -7.86
C ILE D 47 -13.00 9.01 -9.11
N ILE D 48 -13.90 8.03 -9.00
CA ILE D 48 -14.29 7.24 -10.15
C ILE D 48 -15.03 8.09 -11.17
N PHE D 49 -15.82 9.06 -10.71
CA PHE D 49 -16.53 9.93 -11.63
C PHE D 49 -15.58 10.75 -12.48
N LEU D 50 -14.64 11.45 -11.84
CA LEU D 50 -13.67 12.23 -12.60
C LEU D 50 -12.85 11.36 -13.52
N THR D 51 -12.27 10.28 -12.98
CA THR D 51 -11.40 9.42 -13.79
C THR D 51 -12.17 8.79 -14.93
N GLY D 52 -13.38 8.30 -14.67
CA GLY D 52 -14.16 7.64 -15.70
C GLY D 52 -14.66 8.59 -16.77
N ILE D 53 -15.18 9.76 -16.38
CA ILE D 53 -15.58 10.75 -17.36
C ILE D 53 -14.41 11.12 -18.25
N VAL D 54 -13.27 11.49 -17.65
CA VAL D 54 -12.14 11.94 -18.45
C VAL D 54 -11.64 10.81 -19.34
N GLY D 55 -11.38 9.65 -18.75
CA GLY D 55 -10.80 8.55 -19.51
C GLY D 55 -11.71 8.00 -20.58
N ASN D 56 -12.96 7.70 -20.23
CA ASN D 56 -13.86 7.12 -21.21
C ASN D 56 -14.30 8.13 -22.26
N GLY D 57 -14.47 9.41 -21.90
CA GLY D 57 -14.72 10.41 -22.91
C GLY D 57 -13.56 10.58 -23.85
N LEU D 58 -12.33 10.50 -23.33
CA LEU D 58 -11.16 10.60 -24.20
C LEU D 58 -11.01 9.36 -25.08
N VAL D 59 -11.40 8.18 -24.59
CA VAL D 59 -11.34 7.00 -25.44
C VAL D 59 -12.40 7.06 -26.55
N ILE D 60 -13.62 7.49 -26.21
CA ILE D 60 -14.66 7.61 -27.22
C ILE D 60 -14.31 8.72 -28.21
N LEU D 61 -13.67 9.80 -27.76
CA LEU D 61 -13.18 10.81 -28.68
C LEU D 61 -12.10 10.27 -29.59
N VAL D 62 -11.11 9.57 -29.03
CA VAL D 62 -9.96 9.13 -29.80
C VAL D 62 -10.29 7.87 -30.58
N MET D 63 -10.73 6.82 -29.89
CA MET D 63 -10.98 5.54 -30.52
C MET D 63 -12.30 5.47 -31.26
N GLY D 64 -13.30 6.25 -30.85
CA GLY D 64 -14.62 6.12 -31.41
C GLY D 64 -15.07 7.27 -32.29
N TYR D 65 -14.58 8.47 -32.02
CA TYR D 65 -14.94 9.61 -32.86
C TYR D 65 -13.88 9.91 -33.91
N GLN D 66 -12.62 9.63 -33.61
CA GLN D 66 -11.51 9.90 -34.52
C GLN D 66 -11.05 8.64 -35.24
N LYS D 67 -11.68 7.50 -34.97
CA LYS D 67 -11.37 6.22 -35.61
C LYS D 67 -9.89 5.85 -35.50
N LYS D 68 -9.36 5.82 -34.28
CA LYS D 68 -7.99 5.38 -34.06
C LYS D 68 -7.96 3.97 -33.48
N LEU D 69 -9.07 3.24 -33.65
CA LEU D 69 -9.13 1.84 -33.22
C LEU D 69 -8.30 1.03 -34.21
N ARG D 70 -7.21 0.45 -33.70
CA ARG D 70 -6.22 -0.21 -34.54
C ARG D 70 -6.29 -1.73 -34.49
N SER D 71 -7.26 -2.30 -33.78
CA SER D 71 -7.39 -3.76 -33.69
C SER D 71 -8.84 -4.07 -33.38
N MET D 72 -9.17 -5.37 -33.29
CA MET D 72 -10.49 -5.81 -32.88
C MET D 72 -10.72 -5.67 -31.38
N THR D 73 -9.67 -5.70 -30.58
CA THR D 73 -9.81 -5.45 -29.15
C THR D 73 -10.22 -4.01 -28.86
N ASP D 74 -9.71 -3.05 -29.63
CA ASP D 74 -10.05 -1.65 -29.41
C ASP D 74 -11.51 -1.34 -29.69
N LYS D 75 -12.18 -2.13 -30.52
CA LYS D 75 -13.61 -1.97 -30.70
C LYS D 75 -14.37 -2.40 -29.45
N TYR D 76 -14.02 -3.57 -28.91
CA TYR D 76 -14.61 -4.01 -27.65
C TYR D 76 -14.25 -3.08 -26.51
N ARG D 77 -13.02 -2.55 -26.51
CA ARG D 77 -12.64 -1.61 -25.47
C ARG D 77 -13.36 -0.28 -25.64
N LEU D 78 -13.71 0.09 -26.88
CA LEU D 78 -14.61 1.23 -27.08
C LEU D 78 -16.00 0.94 -26.52
N HIS D 79 -16.48 -0.30 -26.66
CA HIS D 79 -17.74 -0.67 -26.03
C HIS D 79 -17.67 -0.57 -24.52
N LEU D 80 -16.56 -1.04 -23.93
CA LEU D 80 -16.34 -0.84 -22.49
C LEU D 80 -16.36 0.62 -22.12
N SER D 81 -15.72 1.47 -22.91
CA SER D 81 -15.69 2.88 -22.60
C SER D 81 -17.07 3.49 -22.66
N VAL D 82 -17.89 3.08 -23.62
CA VAL D 82 -19.25 3.57 -23.71
C VAL D 82 -20.06 3.16 -22.48
N ALA D 83 -19.97 1.88 -22.10
CA ALA D 83 -20.70 1.41 -20.93
C ALA D 83 -20.23 2.11 -19.65
N ASP D 84 -18.92 2.25 -19.49
CA ASP D 84 -18.38 2.89 -18.29
C ASP D 84 -18.74 4.37 -18.23
N LEU D 85 -18.74 5.06 -19.38
CA LEU D 85 -19.17 6.45 -19.40
C LEU D 85 -20.64 6.56 -19.03
N LEU D 86 -21.47 5.64 -19.54
CA LEU D 86 -22.89 5.65 -19.19
C LEU D 86 -23.08 5.48 -17.69
N PHE D 87 -22.27 4.62 -17.06
CA PHE D 87 -22.40 4.42 -15.61
C PHE D 87 -21.89 5.63 -14.83
N VAL D 88 -20.75 6.19 -15.22
CA VAL D 88 -20.20 7.30 -14.45
C VAL D 88 -20.97 8.60 -14.67
N ILE D 89 -21.84 8.66 -15.68
CA ILE D 89 -22.83 9.75 -15.72
C ILE D 89 -23.71 9.69 -14.46
N THR D 90 -24.18 8.50 -14.10
CA THR D 90 -25.08 8.35 -12.96
C THR D 90 -24.36 8.27 -11.63
N LEU D 91 -23.04 8.10 -11.64
CA LEU D 91 -22.28 8.07 -10.39
C LEU D 91 -22.51 9.25 -9.44
N PRO D 92 -22.66 10.51 -9.89
CA PRO D 92 -23.02 11.57 -8.93
C PRO D 92 -24.32 11.31 -8.17
N PHE D 93 -25.31 10.67 -8.81
CA PHE D 93 -26.50 10.26 -8.09
C PHE D 93 -26.15 9.24 -7.01
N TRP D 94 -25.20 8.34 -7.30
CA TRP D 94 -24.73 7.41 -6.29
C TRP D 94 -24.10 8.13 -5.11
N ALA D 95 -23.29 9.15 -5.39
CA ALA D 95 -22.64 9.88 -4.30
C ALA D 95 -23.65 10.64 -3.44
N VAL D 96 -24.61 11.29 -4.08
CA VAL D 96 -25.65 11.99 -3.32
C VAL D 96 -26.45 10.99 -2.49
N ASP D 97 -26.83 9.86 -3.08
CA ASP D 97 -27.52 8.81 -2.33
C ASP D 97 -26.70 8.32 -1.16
N ALA D 98 -25.38 8.25 -1.34
CA ALA D 98 -24.50 7.90 -0.22
C ALA D 98 -24.58 8.93 0.89
N VAL D 99 -24.73 10.21 0.55
CA VAL D 99 -24.91 11.21 1.59
C VAL D 99 -26.38 11.42 1.93
N ALA D 100 -27.17 11.90 0.98
CA ALA D 100 -28.59 12.19 1.18
C ALA D 100 -29.41 11.20 0.38
N ASN D 101 -30.24 10.41 1.07
CA ASN D 101 -30.76 9.14 0.57
C ASN D 101 -31.32 9.15 -0.84
N TRP D 102 -32.42 9.88 -1.08
CA TRP D 102 -32.90 10.05 -2.44
C TRP D 102 -33.92 11.18 -2.53
N TYR D 103 -33.61 12.23 -3.29
CA TYR D 103 -34.57 13.28 -3.57
C TYR D 103 -34.58 13.60 -5.06
N PHE D 104 -34.34 12.60 -5.89
CA PHE D 104 -34.33 12.72 -7.34
C PHE D 104 -35.62 12.25 -7.98
N GLY D 105 -36.19 11.14 -7.51
CA GLY D 105 -37.44 10.65 -8.02
C GLY D 105 -37.43 9.17 -8.33
N ASN D 106 -38.63 8.58 -8.43
CA ASN D 106 -38.74 7.16 -8.77
C ASN D 106 -38.22 6.87 -10.16
N PHE D 107 -38.52 7.75 -11.12
CA PHE D 107 -38.04 7.56 -12.49
C PHE D 107 -36.52 7.61 -12.54
N LEU D 108 -35.91 8.56 -11.82
CA LEU D 108 -34.46 8.66 -11.84
C LEU D 108 -33.81 7.51 -11.08
N CYS D 109 -34.47 7.00 -10.03
CA CYS D 109 -33.98 5.78 -9.37
C CYS D 109 -34.01 4.60 -10.34
N LYS D 110 -35.10 4.47 -11.10
CA LYS D 110 -35.18 3.40 -12.11
C LYS D 110 -34.09 3.56 -13.16
N ALA D 111 -33.86 4.79 -13.63
CA ALA D 111 -32.85 5.01 -14.66
C ALA D 111 -31.45 4.70 -14.12
N VAL D 112 -31.16 5.10 -12.88
CA VAL D 112 -29.85 4.83 -12.30
C VAL D 112 -29.63 3.33 -12.14
N HIS D 113 -30.65 2.60 -11.67
CA HIS D 113 -30.49 1.16 -11.52
C HIS D 113 -30.38 0.45 -12.88
N VAL D 114 -31.13 0.93 -13.88
CA VAL D 114 -31.05 0.33 -15.21
C VAL D 114 -29.67 0.54 -15.80
N ILE D 115 -29.11 1.73 -15.66
CA ILE D 115 -27.78 2.01 -16.19
C ILE D 115 -26.72 1.22 -15.41
N TYR D 116 -26.92 1.06 -14.11
CA TYR D 116 -26.01 0.25 -13.30
C TYR D 116 -25.99 -1.19 -13.79
N THR D 117 -27.18 -1.78 -14.01
CA THR D 117 -27.27 -3.14 -14.52
C THR D 117 -26.66 -3.26 -15.91
N VAL D 118 -26.92 -2.29 -16.77
CA VAL D 118 -26.38 -2.32 -18.14
C VAL D 118 -24.86 -2.32 -18.10
N ASN D 119 -24.27 -1.46 -17.28
CA ASN D 119 -22.83 -1.47 -17.12
C ASN D 119 -22.35 -2.81 -16.56
N LEU D 120 -23.02 -3.29 -15.50
CA LEU D 120 -22.63 -4.52 -14.82
C LEU D 120 -22.49 -5.69 -15.77
N TYR D 121 -23.50 -5.88 -16.62
CA TYR D 121 -23.49 -7.07 -17.47
C TYR D 121 -22.84 -6.83 -18.81
N SER D 122 -23.00 -5.63 -19.39
CA SER D 122 -22.36 -5.34 -20.66
C SER D 122 -20.84 -5.36 -20.54
N SER D 123 -20.29 -4.84 -19.43
CA SER D 123 -18.84 -4.82 -19.30
C SER D 123 -18.26 -6.22 -19.22
N VAL D 124 -18.89 -7.11 -18.44
CA VAL D 124 -18.37 -8.46 -18.33
C VAL D 124 -18.61 -9.25 -19.61
N LEU D 125 -19.71 -8.99 -20.32
CA LEU D 125 -19.91 -9.66 -21.60
C LEU D 125 -18.94 -9.15 -22.66
N ILE D 126 -18.56 -7.87 -22.60
CA ILE D 126 -17.54 -7.35 -23.50
C ILE D 126 -16.19 -7.99 -23.19
N LEU D 127 -15.90 -8.21 -21.91
CA LEU D 127 -14.67 -8.91 -21.55
C LEU D 127 -14.67 -10.35 -22.06
N ALA D 128 -15.81 -11.02 -21.95
CA ALA D 128 -15.93 -12.36 -22.54
C ALA D 128 -15.74 -12.33 -24.04
N PHE D 129 -16.28 -11.31 -24.71
CA PHE D 129 -16.07 -11.16 -26.15
C PHE D 129 -14.62 -10.87 -26.49
N ILE D 130 -13.90 -10.13 -25.64
CA ILE D 130 -12.47 -9.92 -25.83
C ILE D 130 -11.73 -11.24 -25.73
N SER D 131 -12.10 -12.08 -24.76
CA SER D 131 -11.51 -13.40 -24.65
C SER D 131 -11.80 -14.28 -25.86
N LEU D 132 -13.03 -14.27 -26.39
CA LEU D 132 -13.30 -14.94 -27.66
C LEU D 132 -12.50 -14.37 -28.81
N ASP D 133 -12.33 -13.05 -28.88
CA ASP D 133 -11.51 -12.44 -29.92
C ASP D 133 -10.09 -12.95 -29.86
N ARG D 134 -9.51 -13.00 -28.66
CA ARG D 134 -8.15 -13.51 -28.50
C ARG D 134 -8.06 -14.99 -28.82
N TYR D 135 -9.07 -15.76 -28.42
CA TYR D 135 -9.12 -17.19 -28.76
C TYR D 135 -9.11 -17.39 -30.26
N LEU D 136 -9.96 -16.67 -30.97
CA LEU D 136 -10.02 -16.80 -32.43
C LEU D 136 -8.75 -16.27 -33.08
N ALA D 137 -8.13 -15.25 -32.50
CA ALA D 137 -6.93 -14.66 -33.09
C ALA D 137 -5.69 -15.51 -32.88
N ILE D 138 -5.67 -16.33 -31.83
CA ILE D 138 -4.51 -17.15 -31.51
C ILE D 138 -4.73 -18.61 -31.87
N VAL D 139 -5.80 -19.22 -31.38
CA VAL D 139 -6.05 -20.63 -31.67
C VAL D 139 -6.43 -20.83 -33.13
N HIS D 140 -7.07 -19.84 -33.75
CA HIS D 140 -7.54 -19.96 -35.12
C HIS D 140 -6.98 -18.86 -36.00
N ALA D 141 -5.68 -18.61 -35.91
CA ALA D 141 -5.04 -17.49 -36.60
C ALA D 141 -4.97 -17.65 -38.12
N THR D 142 -5.56 -18.71 -38.68
CA THR D 142 -5.47 -18.95 -40.12
C THR D 142 -6.82 -18.97 -40.82
N ASN D 143 -7.92 -19.04 -40.07
CA ASN D 143 -9.24 -19.09 -40.69
C ASN D 143 -10.23 -18.19 -39.96
N SER D 144 -9.76 -17.43 -38.98
CA SER D 144 -10.61 -16.53 -38.20
C SER D 144 -10.15 -15.10 -38.44
N GLN D 145 -10.65 -14.48 -39.50
CA GLN D 145 -10.50 -13.06 -39.73
C GLN D 145 -11.88 -12.48 -40.04
N ARG D 146 -12.73 -13.30 -40.66
CA ARG D 146 -14.13 -12.99 -40.88
C ARG D 146 -14.99 -13.23 -39.64
N PRO D 147 -14.91 -14.38 -38.95
CA PRO D 147 -15.71 -14.51 -37.72
C PRO D 147 -15.30 -13.55 -36.62
N ARG D 148 -14.03 -13.13 -36.56
CA ARG D 148 -13.67 -12.07 -35.63
C ARG D 148 -14.26 -10.73 -36.05
N LYS D 149 -14.16 -10.39 -37.33
CA LYS D 149 -14.76 -9.16 -37.83
C LYS D 149 -16.28 -9.20 -37.67
N LEU D 150 -16.90 -10.31 -38.04
CA LEU D 150 -18.35 -10.45 -37.87
C LEU D 150 -18.73 -10.35 -36.40
N LEU D 151 -17.96 -10.99 -35.52
CA LEU D 151 -18.20 -10.89 -34.09
C LEU D 151 -18.19 -9.44 -33.63
N ALA D 152 -17.03 -8.79 -33.75
CA ALA D 152 -16.85 -7.44 -33.22
C ALA D 152 -17.71 -6.40 -33.93
N GLU D 153 -18.24 -6.70 -35.12
CA GLU D 153 -19.07 -5.72 -35.81
C GLU D 153 -20.56 -5.94 -35.60
N LYS D 154 -21.04 -7.16 -35.50
CA LYS D 154 -22.47 -7.38 -35.42
C LYS D 154 -22.89 -8.23 -34.23
N VAL D 155 -22.09 -9.23 -33.85
CA VAL D 155 -22.52 -10.15 -32.80
C VAL D 155 -22.30 -9.55 -31.43
N VAL D 156 -21.46 -8.52 -31.31
CA VAL D 156 -21.21 -7.89 -30.02
C VAL D 156 -22.49 -7.27 -29.48
N TYR D 157 -23.30 -6.66 -30.34
CA TYR D 157 -24.56 -6.09 -29.88
C TYR D 157 -25.49 -7.17 -29.34
N VAL D 158 -25.73 -8.21 -30.14
CA VAL D 158 -26.66 -9.27 -29.77
C VAL D 158 -26.19 -10.03 -28.54
N GLY D 159 -24.89 -10.12 -28.33
CA GLY D 159 -24.38 -10.91 -27.22
C GLY D 159 -23.94 -10.12 -26.01
N VAL D 160 -23.95 -8.78 -26.08
CA VAL D 160 -23.56 -7.93 -24.98
C VAL D 160 -24.70 -7.01 -24.55
N TRP D 161 -25.25 -6.25 -25.50
CA TRP D 161 -26.20 -5.20 -25.15
C TRP D 161 -27.62 -5.72 -25.02
N ILE D 162 -28.03 -6.62 -25.91
CA ILE D 162 -29.34 -7.27 -25.74
C ILE D 162 -29.41 -8.05 -24.44
N PRO D 163 -28.42 -8.86 -24.04
CA PRO D 163 -28.47 -9.41 -22.68
C PRO D 163 -28.43 -8.35 -21.59
N ALA D 164 -27.75 -7.22 -21.83
CA ALA D 164 -27.67 -6.20 -20.80
C ALA D 164 -28.96 -5.41 -20.68
N LEU D 165 -29.71 -5.24 -21.78
CA LEU D 165 -30.96 -4.49 -21.75
C LEU D 165 -32.19 -5.35 -21.52
N LEU D 166 -32.16 -6.63 -21.86
CA LEU D 166 -33.28 -7.51 -21.55
C LEU D 166 -33.18 -8.15 -20.17
N LEU D 167 -32.05 -8.00 -19.48
CA LEU D 167 -31.93 -8.52 -18.13
C LEU D 167 -31.97 -7.40 -17.10
N THR D 168 -32.06 -6.15 -17.54
CA THR D 168 -32.34 -5.02 -16.67
C THR D 168 -33.83 -4.82 -16.44
N ILE D 169 -34.66 -5.71 -17.01
CA ILE D 169 -36.10 -5.65 -16.77
C ILE D 169 -36.46 -5.66 -15.28
N PRO D 170 -35.83 -6.47 -14.42
CA PRO D 170 -36.13 -6.37 -12.99
C PRO D 170 -35.85 -5.01 -12.37
N ASP D 171 -35.01 -4.18 -13.00
CA ASP D 171 -34.88 -2.79 -12.53
C ASP D 171 -36.09 -1.96 -12.93
N PHE D 172 -36.59 -2.17 -14.15
CA PHE D 172 -37.79 -1.47 -14.58
C PHE D 172 -39.00 -1.87 -13.73
N ILE D 173 -39.01 -3.11 -13.24
CA ILE D 173 -40.15 -3.58 -12.46
C ILE D 173 -40.00 -3.26 -10.98
N PHE D 174 -38.82 -3.45 -10.40
CA PHE D 174 -38.65 -3.52 -8.95
C PHE D 174 -37.93 -2.32 -8.35
N ALA D 175 -37.08 -1.66 -9.13
CA ALA D 175 -36.26 -0.57 -8.56
C ALA D 175 -37.11 0.67 -8.35
N ASN D 176 -37.44 0.99 -7.11
CA ASN D 176 -38.36 2.11 -6.80
C ASN D 176 -37.85 2.77 -5.52
N VAL D 177 -38.36 3.94 -5.16
CA VAL D 177 -37.85 4.67 -3.96
C VAL D 177 -38.78 4.44 -2.79
N SER D 178 -38.44 3.52 -1.88
CA SER D 178 -39.27 3.33 -0.67
C SER D 178 -39.03 4.50 0.26
N GLU D 179 -40.09 5.23 0.60
CA GLU D 179 -39.99 6.36 1.56
C GLU D 179 -40.09 5.81 2.98
N ALA D 180 -39.10 5.05 3.42
CA ALA D 180 -39.07 4.51 4.79
C ALA D 180 -38.74 5.66 5.73
N ASP D 181 -39.74 6.26 6.38
CA ASP D 181 -39.52 7.42 7.26
C ASP D 181 -38.93 8.52 6.37
N ASP D 182 -37.75 9.04 6.75
CA ASP D 182 -37.13 10.17 5.99
C ASP D 182 -36.07 9.56 5.09
N ARG D 183 -35.74 8.30 5.33
CA ARG D 183 -34.77 7.62 4.46
C ARG D 183 -35.49 7.21 3.19
N TYR D 184 -35.38 8.01 2.13
CA TYR D 184 -35.93 7.59 0.84
C TYR D 184 -34.91 6.63 0.24
N ILE D 185 -35.05 5.33 0.48
CA ILE D 185 -34.13 4.31 -0.05
C ILE D 185 -34.45 4.05 -1.51
N CYS D 186 -33.46 4.24 -2.38
CA CYS D 186 -33.56 3.87 -3.78
C CYS D 186 -32.85 2.54 -3.98
N ASP D 187 -33.64 1.48 -4.18
CA ASP D 187 -33.11 0.14 -4.32
C ASP D 187 -34.15 -0.72 -5.01
N ARG D 188 -33.77 -1.95 -5.34
CA ARG D 188 -34.70 -2.92 -5.90
C ARG D 188 -35.48 -3.54 -4.75
N PHE D 189 -36.80 -3.36 -4.77
CA PHE D 189 -37.68 -3.82 -3.71
C PHE D 189 -38.57 -4.93 -4.27
N TYR D 190 -38.09 -6.16 -4.14
CA TYR D 190 -38.78 -7.34 -4.63
C TYR D 190 -39.94 -7.69 -3.71
N PRO D 191 -40.97 -8.37 -4.24
CA PRO D 191 -42.10 -8.78 -3.38
C PRO D 191 -41.70 -9.71 -2.25
N ASN D 192 -40.71 -10.58 -2.47
CA ASN D 192 -40.34 -11.59 -1.50
C ASN D 192 -38.83 -11.60 -1.31
N ASP D 193 -38.42 -12.16 -0.17
CA ASP D 193 -37.01 -12.31 0.14
C ASP D 193 -36.34 -13.35 -0.76
N LEU D 194 -37.08 -14.40 -1.12
CA LEU D 194 -36.57 -15.39 -2.06
C LEU D 194 -36.27 -14.77 -3.42
N TRP D 195 -37.03 -13.75 -3.80
CA TRP D 195 -36.70 -13.02 -5.02
C TRP D 195 -35.36 -12.31 -4.90
N VAL D 196 -35.07 -11.74 -3.74
CA VAL D 196 -33.77 -11.10 -3.51
C VAL D 196 -32.67 -12.13 -3.66
N VAL D 197 -32.85 -13.31 -3.06
CA VAL D 197 -31.83 -14.36 -3.11
C VAL D 197 -31.62 -14.84 -4.54
N VAL D 198 -32.72 -15.08 -5.27
CA VAL D 198 -32.59 -15.62 -6.61
C VAL D 198 -32.00 -14.60 -7.57
N PHE D 199 -32.25 -13.30 -7.34
CA PHE D 199 -31.62 -12.31 -8.21
C PHE D 199 -30.17 -12.06 -7.85
N GLN D 200 -29.79 -12.22 -6.58
CA GLN D 200 -28.36 -12.19 -6.24
C GLN D 200 -27.63 -13.39 -6.84
N PHE D 201 -28.27 -14.57 -6.82
CA PHE D 201 -27.69 -15.71 -7.53
C PHE D 201 -27.59 -15.46 -9.02
N GLN D 202 -28.61 -14.82 -9.61
CA GLN D 202 -28.52 -14.47 -11.03
C GLN D 202 -27.34 -13.55 -11.29
N HIS D 203 -27.16 -12.53 -10.45
CA HIS D 203 -26.06 -11.59 -10.64
C HIS D 203 -24.72 -12.29 -10.48
N ILE D 204 -24.57 -13.12 -9.45
CA ILE D 204 -23.33 -13.87 -9.25
C ILE D 204 -23.05 -14.74 -10.48
N MET D 205 -24.06 -15.47 -10.94
CA MET D 205 -23.89 -16.37 -12.07
C MET D 205 -23.46 -15.61 -13.32
N VAL D 206 -24.33 -14.75 -13.84
CA VAL D 206 -24.11 -14.18 -15.16
C VAL D 206 -23.21 -12.95 -15.06
N GLY D 207 -22.60 -12.73 -13.89
CA GLY D 207 -21.63 -11.66 -13.81
C GLY D 207 -20.25 -12.10 -13.36
N LEU D 208 -20.15 -13.29 -12.75
CA LEU D 208 -18.87 -13.85 -12.35
C LEU D 208 -18.61 -15.22 -12.93
N ILE D 209 -19.59 -16.12 -12.89
CA ILE D 209 -19.32 -17.53 -13.14
C ILE D 209 -19.30 -17.82 -14.63
N LEU D 210 -20.45 -17.63 -15.30
CA LEU D 210 -20.52 -17.97 -16.72
C LEU D 210 -19.57 -17.15 -17.59
N PRO D 211 -19.55 -15.81 -17.53
CA PRO D 211 -18.49 -15.09 -18.24
C PRO D 211 -17.11 -15.41 -17.73
N GLY D 212 -16.96 -15.65 -16.42
CA GLY D 212 -15.66 -16.03 -15.89
C GLY D 212 -15.19 -17.38 -16.37
N ILE D 213 -16.10 -18.36 -16.43
CA ILE D 213 -15.75 -19.67 -16.97
C ILE D 213 -15.39 -19.55 -18.45
N VAL D 214 -16.14 -18.75 -19.20
CA VAL D 214 -15.85 -18.58 -20.63
C VAL D 214 -14.48 -17.94 -20.82
N ILE D 215 -14.16 -16.88 -20.08
CA ILE D 215 -12.88 -16.13 -20.19
C ILE D 215 -11.70 -17.01 -19.79
N LEU D 216 -11.83 -17.89 -18.82
CA LEU D 216 -10.75 -18.81 -18.40
C LEU D 216 -10.62 -19.96 -19.37
N SER D 217 -11.68 -20.48 -19.94
CA SER D 217 -11.55 -21.50 -21.00
C SER D 217 -10.84 -20.93 -22.22
N CYS D 218 -11.02 -19.68 -22.54
CA CYS D 218 -10.45 -19.07 -23.77
C CYS D 218 -9.02 -18.70 -23.53
N TYR D 219 -8.63 -18.52 -22.29
CA TYR D 219 -7.26 -18.04 -21.98
C TYR D 219 -6.43 -19.20 -21.50
N CYS D 220 -7.05 -20.34 -21.22
CA CYS D 220 -6.31 -21.56 -20.82
C CYS D 220 -6.01 -22.33 -22.08
N ILE D 221 -6.86 -22.21 -23.09
CA ILE D 221 -6.61 -22.86 -24.41
C ILE D 221 -5.64 -22.00 -25.21
N ILE D 222 -5.47 -20.72 -24.92
CA ILE D 222 -4.47 -19.82 -25.54
C ILE D 222 -3.13 -20.10 -24.87
N ILE D 223 -3.04 -20.06 -23.55
CA ILE D 223 -1.81 -20.45 -22.80
C ILE D 223 -1.24 -21.78 -23.24
N SER D 224 -2.07 -22.65 -23.81
CA SER D 224 -1.77 -24.04 -24.18
C SER D 224 -1.50 -24.11 -25.67
N LYS D 225 -1.93 -23.13 -26.44
CA LYS D 225 -1.62 -23.09 -27.88
C LYS D 225 -0.62 -21.97 -28.09
N LEU D 226 -0.11 -21.37 -27.04
CA LEU D 226 0.93 -20.33 -27.17
C LEU D 226 2.21 -20.93 -26.61
N SER D 227 2.13 -22.15 -26.11
CA SER D 227 3.31 -22.89 -25.58
C SER D 227 3.62 -24.01 -26.57
N HIS D 228 2.61 -24.85 -26.85
CA HIS D 228 2.73 -25.92 -27.88
C HIS D 228 3.21 -25.33 -29.20
N SER D 229 3.02 -24.02 -29.40
CA SER D 229 3.52 -23.34 -30.63
C SER D 229 4.88 -22.64 -30.61
N LYS D 230 5.26 -22.07 -29.47
CA LYS D 230 5.94 -20.83 -29.02
C LYS D 230 5.83 -19.40 -29.55
N GLY D 231 4.61 -18.94 -29.85
CA GLY D 231 4.41 -17.57 -30.36
C GLY D 231 4.78 -16.27 -29.64
N HIS D 232 4.87 -15.15 -30.39
CA HIS D 232 5.14 -13.83 -29.77
C HIS D 232 4.41 -12.47 -29.74
N GLN D 233 4.40 -11.70 -30.85
CA GLN D 233 3.70 -10.39 -30.94
C GLN D 233 2.27 -10.52 -30.40
N LYS D 234 1.43 -11.35 -31.00
CA LYS D 234 0.10 -11.63 -30.42
C LYS D 234 0.29 -11.91 -28.92
N ARG D 235 1.31 -12.68 -28.53
CA ARG D 235 1.56 -13.03 -27.10
C ARG D 235 1.32 -11.67 -26.42
N LYS D 236 1.90 -10.62 -26.98
CA LYS D 236 2.07 -9.33 -26.26
C LYS D 236 0.75 -8.58 -26.33
N ALA D 237 0.03 -8.67 -27.46
CA ALA D 237 -1.25 -8.02 -27.31
C ALA D 237 -2.18 -8.80 -26.39
N LEU D 238 -1.77 -9.99 -25.98
CA LEU D 238 -2.52 -10.77 -25.00
C LEU D 238 -2.29 -10.27 -23.57
N LYS D 239 -1.21 -9.52 -23.34
CA LYS D 239 -0.94 -9.03 -22.00
C LYS D 239 -1.93 -7.92 -21.63
N THR D 240 -2.19 -6.99 -22.54
CA THR D 240 -3.12 -5.90 -22.27
C THR D 240 -4.55 -6.38 -22.10
N THR D 241 -4.87 -7.58 -22.57
CA THR D 241 -6.17 -8.22 -22.35
C THR D 241 -6.22 -8.96 -21.02
N VAL D 242 -5.16 -9.70 -20.69
CA VAL D 242 -5.10 -10.40 -19.42
C VAL D 242 -5.11 -9.42 -18.25
N ILE D 243 -4.35 -8.33 -18.35
CA ILE D 243 -4.34 -7.33 -17.29
C ILE D 243 -5.71 -6.68 -17.14
N LEU D 244 -6.35 -6.35 -18.25
CA LEU D 244 -7.69 -5.75 -18.21
C LEU D 244 -8.68 -6.66 -17.51
N ILE D 245 -8.75 -7.92 -17.94
CA ILE D 245 -9.74 -8.85 -17.39
C ILE D 245 -9.42 -9.18 -15.94
N LEU D 246 -8.13 -9.39 -15.62
CA LEU D 246 -7.73 -9.69 -14.25
C LEU D 246 -8.03 -8.53 -13.32
N ALA D 247 -7.79 -7.30 -13.76
CA ALA D 247 -8.08 -6.14 -12.92
C ALA D 247 -9.58 -5.98 -12.71
N PHE D 248 -10.38 -6.22 -13.76
CA PHE D 248 -11.83 -6.18 -13.63
C PHE D 248 -12.31 -7.20 -12.59
N PHE D 249 -11.86 -8.45 -12.71
CA PHE D 249 -12.35 -9.48 -11.81
C PHE D 249 -11.76 -9.32 -10.41
N ALA D 250 -10.57 -8.74 -10.28
CA ALA D 250 -10.04 -8.44 -8.96
C ALA D 250 -10.82 -7.32 -8.29
N CYS D 251 -11.26 -6.34 -9.07
CA CYS D 251 -12.12 -5.30 -8.52
C CYS D 251 -13.44 -5.87 -8.05
N TRP D 252 -14.02 -6.78 -8.82
CA TRP D 252 -15.37 -7.25 -8.51
C TRP D 252 -15.41 -8.45 -7.57
N LEU D 253 -14.30 -9.15 -7.35
CA LEU D 253 -14.33 -10.37 -6.55
C LEU D 253 -14.75 -10.16 -5.10
N PRO D 254 -14.23 -9.16 -4.36
CA PRO D 254 -14.74 -8.98 -2.98
C PRO D 254 -16.22 -8.73 -2.91
N TYR D 255 -16.77 -7.98 -3.87
CA TYR D 255 -18.21 -7.73 -3.89
C TYR D 255 -18.98 -9.02 -4.13
N TYR D 256 -18.50 -9.88 -5.03
CA TYR D 256 -19.22 -11.12 -5.30
C TYR D 256 -19.13 -12.09 -4.12
N ILE D 257 -17.99 -12.12 -3.44
CA ILE D 257 -17.89 -12.91 -2.22
C ILE D 257 -18.88 -12.39 -1.18
N GLY D 258 -18.95 -11.07 -1.03
CA GLY D 258 -19.86 -10.48 -0.05
C GLY D 258 -21.31 -10.76 -0.36
N ILE D 259 -21.70 -10.66 -1.63
CA ILE D 259 -23.12 -10.85 -1.95
C ILE D 259 -23.48 -12.33 -1.98
N SER D 260 -22.53 -13.22 -2.28
CA SER D 260 -22.82 -14.64 -2.11
C SER D 260 -23.00 -15.00 -0.64
N ILE D 261 -22.16 -14.43 0.24
CA ILE D 261 -22.33 -14.65 1.66
C ILE D 261 -23.65 -14.06 2.15
N ASP D 262 -24.02 -12.89 1.63
CA ASP D 262 -25.31 -12.29 1.98
C ASP D 262 -26.47 -13.14 1.51
N SER D 263 -26.37 -13.71 0.30
CA SER D 263 -27.44 -14.56 -0.21
C SER D 263 -27.59 -15.82 0.62
N PHE D 264 -26.47 -16.41 1.06
CA PHE D 264 -26.57 -17.61 1.89
C PHE D 264 -27.02 -17.28 3.30
N ILE D 265 -26.70 -16.06 3.79
CA ILE D 265 -27.28 -15.56 5.03
C ILE D 265 -28.79 -15.47 4.89
N LEU D 266 -29.25 -14.95 3.77
CA LEU D 266 -30.64 -14.60 3.54
C LEU D 266 -31.49 -15.81 3.19
N LEU D 267 -30.86 -16.96 2.95
CA LEU D 267 -31.55 -18.24 2.84
C LEU D 267 -31.69 -18.95 4.16
N GLU D 268 -31.27 -18.33 5.26
CA GLU D 268 -31.22 -18.94 6.58
C GLU D 268 -30.37 -20.22 6.57
N ILE D 269 -29.25 -20.14 5.85
CA ILE D 269 -28.28 -21.22 5.81
C ILE D 269 -27.05 -20.92 6.66
N ILE D 270 -26.62 -19.66 6.73
CA ILE D 270 -25.41 -19.29 7.43
C ILE D 270 -25.72 -19.10 8.92
N LYS D 271 -26.61 -18.16 9.23
CA LYS D 271 -27.13 -17.93 10.58
C LYS D 271 -26.01 -17.70 11.61
N GLN D 272 -25.28 -16.61 11.40
CA GLN D 272 -24.24 -16.19 12.35
C GLN D 272 -24.64 -14.98 13.17
N GLY D 273 -25.89 -14.53 13.06
CA GLY D 273 -26.38 -13.43 13.86
C GLY D 273 -26.59 -12.17 13.03
N CYS D 274 -27.23 -11.19 13.68
CA CYS D 274 -27.52 -9.93 13.02
C CYS D 274 -26.27 -9.08 12.84
N GLU D 275 -25.31 -9.19 13.76
CA GLU D 275 -24.07 -8.44 13.63
C GLU D 275 -23.28 -8.88 12.40
N PHE D 276 -23.26 -10.19 12.13
CA PHE D 276 -22.60 -10.66 10.92
C PHE D 276 -23.31 -10.15 9.67
N GLU D 277 -24.64 -10.10 9.69
CA GLU D 277 -25.37 -9.58 8.55
C GLU D 277 -25.07 -8.10 8.32
N ASN D 278 -24.97 -7.33 9.39
CA ASN D 278 -24.60 -5.91 9.26
C ASN D 278 -23.19 -5.77 8.72
N THR D 279 -22.26 -6.62 9.19
CA THR D 279 -20.89 -6.59 8.68
C THR D 279 -20.85 -6.93 7.20
N VAL D 280 -21.65 -7.92 6.78
CA VAL D 280 -21.72 -8.29 5.37
C VAL D 280 -22.27 -7.15 4.54
N HIS D 281 -23.29 -6.46 5.05
CA HIS D 281 -23.86 -5.32 4.31
C HIS D 281 -22.85 -4.19 4.17
N LYS D 282 -22.11 -3.88 5.23
CA LYS D 282 -21.07 -2.86 5.14
C LYS D 282 -19.98 -3.28 4.16
N TRP D 283 -19.60 -4.55 4.18
CA TRP D 283 -18.64 -5.08 3.22
C TRP D 283 -19.15 -4.91 1.79
N ILE D 284 -20.43 -5.21 1.58
CA ILE D 284 -21.02 -5.11 0.24
C ILE D 284 -20.99 -3.67 -0.24
N SER D 285 -21.35 -2.72 0.63
CA SER D 285 -21.34 -1.32 0.24
C SER D 285 -19.93 -0.85 -0.10
N ILE D 286 -18.96 -1.14 0.78
CA ILE D 286 -17.60 -0.66 0.57
C ILE D 286 -17.00 -1.28 -0.69
N THR D 287 -17.13 -2.60 -0.84
CA THR D 287 -16.52 -3.30 -1.95
C THR D 287 -17.29 -3.15 -3.26
N GLU D 288 -18.54 -2.70 -3.22
CA GLU D 288 -19.23 -2.28 -4.43
C GLU D 288 -18.75 -0.91 -4.88
N ALA D 289 -18.52 -0.01 -3.92
CA ALA D 289 -17.91 1.27 -4.28
C ALA D 289 -16.51 1.08 -4.85
N LEU D 290 -15.74 0.17 -4.26
CA LEU D 290 -14.39 -0.08 -4.75
C LEU D 290 -14.38 -0.83 -6.06
N ALA D 291 -15.43 -1.61 -6.34
CA ALA D 291 -15.52 -2.35 -7.59
C ALA D 291 -15.93 -1.49 -8.77
N PHE D 292 -16.39 -0.27 -8.52
CA PHE D 292 -16.70 0.67 -9.61
C PHE D 292 -15.45 1.21 -10.27
N PHE D 293 -14.26 0.92 -9.72
CA PHE D 293 -13.00 1.31 -10.33
C PHE D 293 -12.75 0.59 -11.65
N HIS D 294 -13.53 -0.45 -11.96
CA HIS D 294 -13.43 -1.09 -13.26
C HIS D 294 -13.80 -0.14 -14.39
N CYS D 295 -14.55 0.92 -14.10
CA CYS D 295 -14.85 1.94 -15.08
C CYS D 295 -13.67 2.86 -15.35
N CYS D 296 -12.64 2.79 -14.51
CA CYS D 296 -11.46 3.63 -14.66
C CYS D 296 -10.30 2.89 -15.32
N LEU D 297 -10.27 1.57 -15.26
CA LEU D 297 -9.09 0.81 -15.67
C LEU D 297 -9.08 0.44 -17.15
N ASN D 298 -10.18 0.64 -17.88
CA ASN D 298 -10.09 0.56 -19.34
C ASN D 298 -9.24 1.68 -19.92
N PRO D 299 -9.47 2.97 -19.60
CA PRO D 299 -8.60 4.02 -20.18
C PRO D 299 -7.25 4.13 -19.51
N ILE D 300 -7.08 3.61 -18.29
CA ILE D 300 -5.79 3.63 -17.64
C ILE D 300 -4.80 2.75 -18.39
N LEU D 301 -5.28 1.64 -18.96
CA LEU D 301 -4.41 0.78 -19.76
C LEU D 301 -4.06 1.42 -21.09
N TYR D 302 -4.88 2.35 -21.58
CA TYR D 302 -4.51 3.22 -22.67
C TYR D 302 -3.57 4.34 -22.26
N ALA D 303 -3.36 4.53 -20.96
CA ALA D 303 -2.40 5.50 -20.47
C ALA D 303 -1.10 4.86 -20.02
N PHE D 304 -1.02 3.54 -19.98
CA PHE D 304 0.18 2.81 -19.60
C PHE D 304 0.69 1.86 -20.66
N LEU D 305 -0.19 1.27 -21.44
CA LEU D 305 0.20 0.29 -22.45
C LEU D 305 -0.22 0.73 -23.85
#